data_1S2F
# 
_entry.id   1S2F 
# 
_audit_conform.dict_name       mmcif_pdbx.dic 
_audit_conform.dict_version    5.392 
_audit_conform.dict_location   http://mmcif.pdb.org/dictionaries/ascii/mmcif_pdbx.dic 
# 
loop_
_database_2.database_id 
_database_2.database_code 
_database_2.pdbx_database_accession 
_database_2.pdbx_DOI 
PDB   1S2F         pdb_00001s2f 10.2210/pdb1s2f/pdb 
RCSB  RCSB021281   ?            ?                   
WWPDB D_1000021281 ?            ?                   
# 
loop_
_pdbx_audit_revision_history.ordinal 
_pdbx_audit_revision_history.data_content_type 
_pdbx_audit_revision_history.major_revision 
_pdbx_audit_revision_history.minor_revision 
_pdbx_audit_revision_history.revision_date 
1 'Structure model' 1 0 2004-08-31 
2 'Structure model' 1 1 2008-04-29 
3 'Structure model' 1 2 2011-07-13 
4 'Structure model' 1 3 2022-03-02 
5 'Structure model' 1 4 2024-05-22 
# 
_pdbx_audit_revision_details.ordinal             1 
_pdbx_audit_revision_details.revision_ordinal    1 
_pdbx_audit_revision_details.data_content_type   'Structure model' 
_pdbx_audit_revision_details.provider            repository 
_pdbx_audit_revision_details.type                'Initial release' 
_pdbx_audit_revision_details.description         ? 
_pdbx_audit_revision_details.details             ? 
# 
loop_
_pdbx_audit_revision_group.ordinal 
_pdbx_audit_revision_group.revision_ordinal 
_pdbx_audit_revision_group.data_content_type 
_pdbx_audit_revision_group.group 
1 2 'Structure model' 'Version format compliance' 
2 3 'Structure model' 'Version format compliance' 
3 4 'Structure model' 'Data collection'           
4 4 'Structure model' 'Database references'       
5 4 'Structure model' 'Derived calculations'      
6 5 'Structure model' 'Data collection'           
# 
loop_
_pdbx_audit_revision_category.ordinal 
_pdbx_audit_revision_category.revision_ordinal 
_pdbx_audit_revision_category.data_content_type 
_pdbx_audit_revision_category.category 
1 4 'Structure model' database_2            
2 4 'Structure model' pdbx_nmr_software     
3 4 'Structure model' pdbx_struct_assembly  
4 4 'Structure model' pdbx_struct_oper_list 
5 5 'Structure model' chem_comp_atom        
6 5 'Structure model' chem_comp_bond        
# 
loop_
_pdbx_audit_revision_item.ordinal 
_pdbx_audit_revision_item.revision_ordinal 
_pdbx_audit_revision_item.data_content_type 
_pdbx_audit_revision_item.item 
1 4 'Structure model' '_database_2.pdbx_DOI'                
2 4 'Structure model' '_database_2.pdbx_database_accession' 
3 4 'Structure model' '_pdbx_nmr_software.name'             
# 
_pdbx_database_status.status_code                     REL 
_pdbx_database_status.entry_id                        1S2F 
_pdbx_database_status.recvd_initial_deposition_date   2004-01-08 
_pdbx_database_status.deposit_site                    RCSB 
_pdbx_database_status.process_site                    RCSB 
_pdbx_database_status.SG_entry                        . 
_pdbx_database_status.pdb_format_compatible           Y 
_pdbx_database_status.status_code_mr                  ? 
_pdbx_database_status.status_code_sf                  ? 
_pdbx_database_status.status_code_cs                  ? 
_pdbx_database_status.status_code_nmr_data            ? 
_pdbx_database_status.methods_development_category    ? 
# 
loop_
_audit_author.name 
_audit_author.pdbx_ordinal 
'Cabello-Villegas, J.' 1 
'Giles, K.E.'          2 
'Soto, A.M.'           3 
'Yu, P.'               4 
'Beemon, K.L.'         5 
'Wang, Y.X.'           6 
# 
_citation.id                        primary 
_citation.title                     
;Solution structure of the pseudo-5' splice site of a retroviral splicing suppressor.
;
_citation.journal_abbrev            Rna 
_citation.journal_volume            10 
_citation.page_first                1388 
_citation.page_last                 1398 
_citation.year                      2004 
_citation.journal_id_ASTM           RNARFU 
_citation.country                   UK 
_citation.journal_id_ISSN           1355-8382 
_citation.journal_id_CSD            2122 
_citation.book_publisher            ? 
_citation.pdbx_database_id_PubMed   15317975 
_citation.pdbx_database_id_DOI      10.1261/rna.7020804 
# 
loop_
_citation_author.citation_id 
_citation_author.name 
_citation_author.ordinal 
_citation_author.identifier_ORCID 
primary 'Cabello-Villegas, J.' 1 ? 
primary 'Giles, K.E.'          2 ? 
primary 'Soto, A.M.'           3 ? 
primary 'Yu, P.'               4 ? 
primary 'Mougin, A.'           5 ? 
primary 'Beemon, K.L.'         6 ? 
primary 'Wang, Y.X.'           7 ? 
# 
_entity.id                         1 
_entity.type                       polymer 
_entity.src_method                 syn 
_entity.pdbx_description           "5'-R(*GP*GP*GP*GP*AP*GP*UP*GP*GP*UP*UP*UP*GP*UP*AP*UP*CP*CP*UP*UP*CP*CP*C)-3'" 
_entity.formula_weight             7350.335 
_entity.pdbx_number_of_molecules   1 
_entity.pdbx_ec                    ? 
_entity.pdbx_mutation              ? 
_entity.pdbx_fragment              
;Pseudo 5'-splice site
;
_entity.details                    ? 
# 
_entity_poly.entity_id                      1 
_entity_poly.type                           polyribonucleotide 
_entity_poly.nstd_linkage                   no 
_entity_poly.nstd_monomer                   no 
_entity_poly.pdbx_seq_one_letter_code       GGGGAGUGGUUUGUAUCCUUCCC 
_entity_poly.pdbx_seq_one_letter_code_can   GGGGAGUGGUUUGUAUCCUUCCC 
_entity_poly.pdbx_strand_id                 A 
_entity_poly.pdbx_target_identifier         ? 
# 
loop_
_entity_poly_seq.entity_id 
_entity_poly_seq.num 
_entity_poly_seq.mon_id 
_entity_poly_seq.hetero 
1 1  G n 
1 2  G n 
1 3  G n 
1 4  G n 
1 5  A n 
1 6  G n 
1 7  U n 
1 8  G n 
1 9  G n 
1 10 U n 
1 11 U n 
1 12 U n 
1 13 G n 
1 14 U n 
1 15 A n 
1 16 U n 
1 17 C n 
1 18 C n 
1 19 U n 
1 20 U n 
1 21 C n 
1 22 C n 
1 23 C n 
# 
_pdbx_entity_src_syn.entity_id              1 
_pdbx_entity_src_syn.pdbx_src_id            1 
_pdbx_entity_src_syn.pdbx_alt_source_flag   sample 
_pdbx_entity_src_syn.pdbx_beg_seq_num       ? 
_pdbx_entity_src_syn.pdbx_end_seq_num       ? 
_pdbx_entity_src_syn.organism_scientific    ? 
_pdbx_entity_src_syn.organism_common_name   ? 
_pdbx_entity_src_syn.ncbi_taxonomy_id       ? 
_pdbx_entity_src_syn.details                'In vitro transcription' 
# 
loop_
_chem_comp.id 
_chem_comp.type 
_chem_comp.mon_nstd_flag 
_chem_comp.name 
_chem_comp.pdbx_synonyms 
_chem_comp.formula 
_chem_comp.formula_weight 
A 'RNA linking' y "ADENOSINE-5'-MONOPHOSPHATE" ? 'C10 H14 N5 O7 P' 347.221 
C 'RNA linking' y "CYTIDINE-5'-MONOPHOSPHATE"  ? 'C9 H14 N3 O8 P'  323.197 
G 'RNA linking' y "GUANOSINE-5'-MONOPHOSPHATE" ? 'C10 H14 N5 O8 P' 363.221 
U 'RNA linking' y "URIDINE-5'-MONOPHOSPHATE"   ? 'C9 H13 N2 O9 P'  324.181 
# 
loop_
_pdbx_poly_seq_scheme.asym_id 
_pdbx_poly_seq_scheme.entity_id 
_pdbx_poly_seq_scheme.seq_id 
_pdbx_poly_seq_scheme.mon_id 
_pdbx_poly_seq_scheme.ndb_seq_num 
_pdbx_poly_seq_scheme.pdb_seq_num 
_pdbx_poly_seq_scheme.auth_seq_num 
_pdbx_poly_seq_scheme.pdb_mon_id 
_pdbx_poly_seq_scheme.auth_mon_id 
_pdbx_poly_seq_scheme.pdb_strand_id 
_pdbx_poly_seq_scheme.pdb_ins_code 
_pdbx_poly_seq_scheme.hetero 
A 1 1  G 1  907 907 G G A . n 
A 1 2  G 2  908 908 G G A . n 
A 1 3  G 3  909 909 G G A . n 
A 1 4  G 4  910 910 G G A . n 
A 1 5  A 5  911 911 A A A . n 
A 1 6  G 6  912 912 G G A . n 
A 1 7  U 7  913 913 U U A . n 
A 1 8  G 8  914 914 G G A . n 
A 1 9  G 9  915 915 G G A . n 
A 1 10 U 10 916 916 U U A . n 
A 1 11 U 11 917 917 U U A . n 
A 1 12 U 12 918 918 U U A . n 
A 1 13 G 13 919 919 G G A . n 
A 1 14 U 14 920 920 U U A . n 
A 1 15 A 15 921 921 A A A . n 
A 1 16 U 16 922 922 U U A . n 
A 1 17 C 17 923 923 C C A . n 
A 1 18 C 18 924 924 C C A . n 
A 1 19 U 19 925 925 U U A . n 
A 1 20 U 20 926 926 U U A . n 
A 1 21 C 21 927 927 C C A . n 
A 1 22 C 22 928 928 C C A . n 
A 1 23 C 23 929 929 C C A . n 
# 
_cell.entry_id           1S2F 
_cell.length_a           1.000 
_cell.length_b           1.000 
_cell.length_c           1.000 
_cell.angle_alpha        90.00 
_cell.angle_beta         90.00 
_cell.angle_gamma        90.00 
_cell.Z_PDB              1 
_cell.pdbx_unique_axis   ? 
# 
_symmetry.entry_id                         1S2F 
_symmetry.space_group_name_H-M             'P 1' 
_symmetry.pdbx_full_space_group_name_H-M   ? 
_symmetry.cell_setting                     ? 
_symmetry.Int_Tables_number                1 
# 
_exptl.entry_id          1S2F 
_exptl.method            'SOLUTION NMR' 
_exptl.crystals_number   ? 
# 
_exptl_crystal.id                    1 
_exptl_crystal.density_meas          ? 
_exptl_crystal.density_percent_sol   ? 
_exptl_crystal.description           ? 
_exptl_crystal.density_Matthews      ? 
# 
_diffrn.id                     1 
_diffrn.ambient_temp           ? 
_diffrn.ambient_temp_details   ? 
_diffrn.crystal_id             1 
# 
_diffrn_radiation.diffrn_id                        1 
_diffrn_radiation.wavelength_id                    1 
_diffrn_radiation.pdbx_monochromatic_or_laue_m_l   M 
_diffrn_radiation.monochromator                    ? 
_diffrn_radiation.pdbx_diffrn_protocol             'SINGLE WAVELENGTH' 
_diffrn_radiation.pdbx_scattering_type             ? 
# 
_diffrn_radiation_wavelength.id           1 
_diffrn_radiation_wavelength.wavelength   . 
_diffrn_radiation_wavelength.wt           1.0 
# 
_struct.entry_id                  1S2F 
_struct.title                     
;Average solution structure of a pseudo-5'-splice site from the negative regulator of splicing of Rous Sarcoma virus
;
_struct.pdbx_model_details        ? 
_struct.pdbx_CASP_flag            ? 
_struct.pdbx_model_type_details   'minimized average' 
# 
_struct_keywords.entry_id        1S2F 
_struct_keywords.pdbx_keywords   RNA 
_struct_keywords.text            
;NRS, U1 snRNP binding site, 5' splice site, RNA
;
# 
_struct_asym.id                            A 
_struct_asym.pdbx_blank_PDB_chainid_flag   N 
_struct_asym.pdbx_modified                 N 
_struct_asym.entity_id                     1 
_struct_asym.details                       ? 
# 
_struct_ref.id                         1 
_struct_ref.entity_id                  1 
_struct_ref.db_name                    PDB 
_struct_ref.db_code                    1S2F 
_struct_ref.pdbx_db_accession          1S2F 
_struct_ref.pdbx_db_isoform            ? 
_struct_ref.pdbx_seq_one_letter_code   ? 
_struct_ref.pdbx_align_begin           ? 
# 
_struct_ref_seq.align_id                      1 
_struct_ref_seq.ref_id                        1 
_struct_ref_seq.pdbx_PDB_id_code              1S2F 
_struct_ref_seq.pdbx_strand_id                A 
_struct_ref_seq.seq_align_beg                 1 
_struct_ref_seq.pdbx_seq_align_beg_ins_code   ? 
_struct_ref_seq.seq_align_end                 23 
_struct_ref_seq.pdbx_seq_align_end_ins_code   ? 
_struct_ref_seq.pdbx_db_accession             1S2F 
_struct_ref_seq.db_align_beg                  907 
_struct_ref_seq.pdbx_db_align_beg_ins_code    ? 
_struct_ref_seq.db_align_end                  929 
_struct_ref_seq.pdbx_db_align_end_ins_code    ? 
_struct_ref_seq.pdbx_auth_seq_align_beg       907 
_struct_ref_seq.pdbx_auth_seq_align_end       929 
# 
_pdbx_struct_assembly.id                   1 
_pdbx_struct_assembly.details              author_defined_assembly 
_pdbx_struct_assembly.method_details       ? 
_pdbx_struct_assembly.oligomeric_details   monomeric 
_pdbx_struct_assembly.oligomeric_count     1 
# 
_pdbx_struct_assembly_gen.assembly_id       1 
_pdbx_struct_assembly_gen.oper_expression   1 
_pdbx_struct_assembly_gen.asym_id_list      A 
# 
_pdbx_struct_oper_list.id                   1 
_pdbx_struct_oper_list.type                 'identity operation' 
_pdbx_struct_oper_list.name                 1_555 
_pdbx_struct_oper_list.symmetry_operation   x,y,z 
_pdbx_struct_oper_list.matrix[1][1]         1.0000000000 
_pdbx_struct_oper_list.matrix[1][2]         0.0000000000 
_pdbx_struct_oper_list.matrix[1][3]         0.0000000000 
_pdbx_struct_oper_list.vector[1]            0.0000000000 
_pdbx_struct_oper_list.matrix[2][1]         0.0000000000 
_pdbx_struct_oper_list.matrix[2][2]         1.0000000000 
_pdbx_struct_oper_list.matrix[2][3]         0.0000000000 
_pdbx_struct_oper_list.vector[2]            0.0000000000 
_pdbx_struct_oper_list.matrix[3][1]         0.0000000000 
_pdbx_struct_oper_list.matrix[3][2]         0.0000000000 
_pdbx_struct_oper_list.matrix[3][3]         1.0000000000 
_pdbx_struct_oper_list.vector[3]            0.0000000000 
# 
_struct_biol.id   1 
# 
loop_
_struct_conn.id 
_struct_conn.conn_type_id 
_struct_conn.pdbx_leaving_atom_flag 
_struct_conn.pdbx_PDB_id 
_struct_conn.ptnr1_label_asym_id 
_struct_conn.ptnr1_label_comp_id 
_struct_conn.ptnr1_label_seq_id 
_struct_conn.ptnr1_label_atom_id 
_struct_conn.pdbx_ptnr1_label_alt_id 
_struct_conn.pdbx_ptnr1_PDB_ins_code 
_struct_conn.pdbx_ptnr1_standard_comp_id 
_struct_conn.ptnr1_symmetry 
_struct_conn.ptnr2_label_asym_id 
_struct_conn.ptnr2_label_comp_id 
_struct_conn.ptnr2_label_seq_id 
_struct_conn.ptnr2_label_atom_id 
_struct_conn.pdbx_ptnr2_label_alt_id 
_struct_conn.pdbx_ptnr2_PDB_ins_code 
_struct_conn.ptnr1_auth_asym_id 
_struct_conn.ptnr1_auth_comp_id 
_struct_conn.ptnr1_auth_seq_id 
_struct_conn.ptnr2_auth_asym_id 
_struct_conn.ptnr2_auth_comp_id 
_struct_conn.ptnr2_auth_seq_id 
_struct_conn.ptnr2_symmetry 
_struct_conn.pdbx_ptnr3_label_atom_id 
_struct_conn.pdbx_ptnr3_label_seq_id 
_struct_conn.pdbx_ptnr3_label_comp_id 
_struct_conn.pdbx_ptnr3_label_asym_id 
_struct_conn.pdbx_ptnr3_label_alt_id 
_struct_conn.pdbx_ptnr3_PDB_ins_code 
_struct_conn.details 
_struct_conn.pdbx_dist_value 
_struct_conn.pdbx_value_order 
_struct_conn.pdbx_role 
hydrog1  hydrog ? ? A G 1  N1 ? ? ? 1_555 A C 23 N3 ? ? A G 907 A C 929 1_555 ? ? ? ? ? ? WATSON-CRICK ? ? ? 
hydrog2  hydrog ? ? A G 1  N2 ? ? ? 1_555 A C 23 O2 ? ? A G 907 A C 929 1_555 ? ? ? ? ? ? WATSON-CRICK ? ? ? 
hydrog3  hydrog ? ? A G 1  O6 ? ? ? 1_555 A C 23 N4 ? ? A G 907 A C 929 1_555 ? ? ? ? ? ? WATSON-CRICK ? ? ? 
hydrog4  hydrog ? ? A G 2  N1 ? ? ? 1_555 A C 22 N3 ? ? A G 908 A C 928 1_555 ? ? ? ? ? ? WATSON-CRICK ? ? ? 
hydrog5  hydrog ? ? A G 2  N2 ? ? ? 1_555 A C 22 O2 ? ? A G 908 A C 928 1_555 ? ? ? ? ? ? WATSON-CRICK ? ? ? 
hydrog6  hydrog ? ? A G 2  O6 ? ? ? 1_555 A C 22 N4 ? ? A G 908 A C 928 1_555 ? ? ? ? ? ? WATSON-CRICK ? ? ? 
hydrog7  hydrog ? ? A G 3  N1 ? ? ? 1_555 A C 21 N3 ? ? A G 909 A C 927 1_555 ? ? ? ? ? ? WATSON-CRICK ? ? ? 
hydrog8  hydrog ? ? A G 3  N2 ? ? ? 1_555 A C 21 O2 ? ? A G 909 A C 927 1_555 ? ? ? ? ? ? WATSON-CRICK ? ? ? 
hydrog9  hydrog ? ? A G 3  O6 ? ? ? 1_555 A C 21 N4 ? ? A G 909 A C 927 1_555 ? ? ? ? ? ? WATSON-CRICK ? ? ? 
hydrog10 hydrog ? ? A G 4  N1 ? ? ? 1_555 A U 20 O2 ? ? A G 910 A U 926 1_555 ? ? ? ? ? ? TYPE_28_PAIR ? ? ? 
hydrog11 hydrog ? ? A G 4  O6 ? ? ? 1_555 A U 20 N3 ? ? A G 910 A U 926 1_555 ? ? ? ? ? ? TYPE_28_PAIR ? ? ? 
hydrog12 hydrog ? ? A A 5  N1 ? ? ? 1_555 A U 19 N3 ? ? A A 911 A U 925 1_555 ? ? ? ? ? ? WATSON-CRICK ? ? ? 
hydrog13 hydrog ? ? A A 5  N6 ? ? ? 1_555 A U 19 O4 ? ? A A 911 A U 925 1_555 ? ? ? ? ? ? WATSON-CRICK ? ? ? 
hydrog14 hydrog ? ? A G 6  N1 ? ? ? 1_555 A C 18 N3 ? ? A G 912 A C 924 1_555 ? ? ? ? ? ? WATSON-CRICK ? ? ? 
hydrog15 hydrog ? ? A G 6  N2 ? ? ? 1_555 A C 18 O2 ? ? A G 912 A C 924 1_555 ? ? ? ? ? ? WATSON-CRICK ? ? ? 
hydrog16 hydrog ? ? A G 6  O6 ? ? ? 1_555 A C 18 N4 ? ? A G 912 A C 924 1_555 ? ? ? ? ? ? WATSON-CRICK ? ? ? 
hydrog17 hydrog ? ? A G 8  N1 ? ? ? 1_555 A C 17 N3 ? ? A G 914 A C 923 1_555 ? ? ? ? ? ? WATSON-CRICK ? ? ? 
hydrog18 hydrog ? ? A G 8  N2 ? ? ? 1_555 A C 17 O2 ? ? A G 914 A C 923 1_555 ? ? ? ? ? ? WATSON-CRICK ? ? ? 
hydrog19 hydrog ? ? A G 8  O6 ? ? ? 1_555 A C 17 N4 ? ? A G 914 A C 923 1_555 ? ? ? ? ? ? WATSON-CRICK ? ? ? 
hydrog20 hydrog ? ? A G 9  N1 ? ? ? 1_555 A U 16 O2 ? ? A G 915 A U 922 1_555 ? ? ? ? ? ? TYPE_28_PAIR ? ? ? 
hydrog21 hydrog ? ? A G 9  O6 ? ? ? 1_555 A U 16 N3 ? ? A G 915 A U 922 1_555 ? ? ? ? ? ? TYPE_28_PAIR ? ? ? 
hydrog22 hydrog ? ? A U 10 N3 ? ? ? 1_555 A A 15 N1 ? ? A U 916 A A 921 1_555 ? ? ? ? ? ? WATSON-CRICK ? ? ? 
hydrog23 hydrog ? ? A U 10 O4 ? ? ? 1_555 A A 15 N6 ? ? A U 916 A A 921 1_555 ? ? ? ? ? ? WATSON-CRICK ? ? ? 
hydrog24 hydrog ? ? A U 11 N3 ? ? ? 1_555 A A 15 N1 ? ? A U 917 A A 921 1_555 ? ? ? ? ? ? 'U-A PAIR'   ? ? ? 
# 
_struct_conn_type.id          hydrog 
_struct_conn_type.criteria    ? 
_struct_conn_type.reference   ? 
# 
loop_
_pdbx_validate_close_contact.id 
_pdbx_validate_close_contact.PDB_model_num 
_pdbx_validate_close_contact.auth_atom_id_1 
_pdbx_validate_close_contact.auth_asym_id_1 
_pdbx_validate_close_contact.auth_comp_id_1 
_pdbx_validate_close_contact.auth_seq_id_1 
_pdbx_validate_close_contact.PDB_ins_code_1 
_pdbx_validate_close_contact.label_alt_id_1 
_pdbx_validate_close_contact.auth_atom_id_2 
_pdbx_validate_close_contact.auth_asym_id_2 
_pdbx_validate_close_contact.auth_comp_id_2 
_pdbx_validate_close_contact.auth_seq_id_2 
_pdbx_validate_close_contact.PDB_ins_code_2 
_pdbx_validate_close_contact.label_alt_id_2 
_pdbx_validate_close_contact.dist 
1 1 "O2'" A U 917 ? ? "H5'" A U 918 ? ? 1.48 
2 1 OP1   A U 920 ? ? "H5'" A A 921 ? ? 1.59 
# 
loop_
_pdbx_validate_rmsd_bond.id 
_pdbx_validate_rmsd_bond.PDB_model_num 
_pdbx_validate_rmsd_bond.auth_atom_id_1 
_pdbx_validate_rmsd_bond.auth_asym_id_1 
_pdbx_validate_rmsd_bond.auth_comp_id_1 
_pdbx_validate_rmsd_bond.auth_seq_id_1 
_pdbx_validate_rmsd_bond.PDB_ins_code_1 
_pdbx_validate_rmsd_bond.label_alt_id_1 
_pdbx_validate_rmsd_bond.auth_atom_id_2 
_pdbx_validate_rmsd_bond.auth_asym_id_2 
_pdbx_validate_rmsd_bond.auth_comp_id_2 
_pdbx_validate_rmsd_bond.auth_seq_id_2 
_pdbx_validate_rmsd_bond.PDB_ins_code_2 
_pdbx_validate_rmsd_bond.label_alt_id_2 
_pdbx_validate_rmsd_bond.bond_value 
_pdbx_validate_rmsd_bond.bond_target_value 
_pdbx_validate_rmsd_bond.bond_deviation 
_pdbx_validate_rmsd_bond.bond_standard_deviation 
_pdbx_validate_rmsd_bond.linker_flag 
1 1 N7 A G 919 ? ? C8 A G 919 ? ? 1.265 1.305 -0.040 0.006 N 
2 1 C8 A G 919 ? ? N9 A G 919 ? ? 1.320 1.374 -0.054 0.007 N 
# 
loop_
_pdbx_validate_rmsd_angle.id 
_pdbx_validate_rmsd_angle.PDB_model_num 
_pdbx_validate_rmsd_angle.auth_atom_id_1 
_pdbx_validate_rmsd_angle.auth_asym_id_1 
_pdbx_validate_rmsd_angle.auth_comp_id_1 
_pdbx_validate_rmsd_angle.auth_seq_id_1 
_pdbx_validate_rmsd_angle.PDB_ins_code_1 
_pdbx_validate_rmsd_angle.label_alt_id_1 
_pdbx_validate_rmsd_angle.auth_atom_id_2 
_pdbx_validate_rmsd_angle.auth_asym_id_2 
_pdbx_validate_rmsd_angle.auth_comp_id_2 
_pdbx_validate_rmsd_angle.auth_seq_id_2 
_pdbx_validate_rmsd_angle.PDB_ins_code_2 
_pdbx_validate_rmsd_angle.label_alt_id_2 
_pdbx_validate_rmsd_angle.auth_atom_id_3 
_pdbx_validate_rmsd_angle.auth_asym_id_3 
_pdbx_validate_rmsd_angle.auth_comp_id_3 
_pdbx_validate_rmsd_angle.auth_seq_id_3 
_pdbx_validate_rmsd_angle.PDB_ins_code_3 
_pdbx_validate_rmsd_angle.label_alt_id_3 
_pdbx_validate_rmsd_angle.angle_value 
_pdbx_validate_rmsd_angle.angle_target_value 
_pdbx_validate_rmsd_angle.angle_deviation 
_pdbx_validate_rmsd_angle.angle_standard_deviation 
_pdbx_validate_rmsd_angle.linker_flag 
1  1 N7    A G 907 ? ? C8    A G 907 ? ? N9    A G 907 ? ? 117.58 113.10 4.48   0.50 N 
2  1 C8    A G 907 ? ? N9    A G 907 ? ? C4    A G 907 ? ? 103.76 106.40 -2.64  0.40 N 
3  1 N7    A G 908 ? ? C8    A G 908 ? ? N9    A G 908 ? ? 117.60 113.10 4.50   0.50 N 
4  1 C8    A G 908 ? ? N9    A G 908 ? ? C4    A G 908 ? ? 103.74 106.40 -2.66  0.40 N 
5  1 N7    A G 909 ? ? C8    A G 909 ? ? N9    A G 909 ? ? 117.60 113.10 4.50   0.50 N 
6  1 C8    A G 909 ? ? N9    A G 909 ? ? C4    A G 909 ? ? 103.71 106.40 -2.69  0.40 N 
7  1 N7    A G 910 ? ? C8    A G 910 ? ? N9    A G 910 ? ? 117.58 113.10 4.48   0.50 N 
8  1 C8    A G 910 ? ? N9    A G 910 ? ? C4    A G 910 ? ? 103.73 106.40 -2.67  0.40 N 
9  1 N7    A A 911 ? ? C8    A A 911 ? ? N9    A A 911 ? ? 117.49 113.80 3.69   0.50 N 
10 1 "C3'" A G 912 ? ? "C2'" A G 912 ? ? "C1'" A G 912 ? ? 107.88 101.50 6.38   0.80 N 
11 1 N7    A G 912 ? ? C8    A G 912 ? ? N9    A G 912 ? ? 117.71 113.10 4.61   0.50 N 
12 1 C8    A G 912 ? ? N9    A G 912 ? ? C4    A G 912 ? ? 103.62 106.40 -2.78  0.40 N 
13 1 N7    A G 914 ? ? C8    A G 914 ? ? N9    A G 914 ? ? 117.61 113.10 4.51   0.50 N 
14 1 C8    A G 914 ? ? N9    A G 914 ? ? C4    A G 914 ? ? 103.71 106.40 -2.69  0.40 N 
15 1 N7    A G 915 ? ? C8    A G 915 ? ? N9    A G 915 ? ? 117.62 113.10 4.52   0.50 N 
16 1 C8    A G 915 ? ? N9    A G 915 ? ? C4    A G 915 ? ? 103.64 106.40 -2.76  0.40 N 
17 1 "O4'" A U 917 ? ? "C4'" A U 917 ? ? "C3'" A U 917 ? ? 113.84 106.10 7.74   0.80 N 
18 1 "C4'" A U 917 ? ? "C3'" A U 917 ? ? "C2'" A U 917 ? ? 94.56  102.60 -8.04  1.00 N 
19 1 "C3'" A U 917 ? ? "C2'" A U 917 ? ? "C1'" A U 917 ? ? 111.43 101.50 9.93   0.80 N 
20 1 "O4'" A U 917 ? ? "C1'" A U 917 ? ? N1    A U 917 ? ? 116.87 108.50 8.37   0.70 N 
21 1 "C4'" A U 918 ? ? "C3'" A U 918 ? ? "O3'" A U 918 ? ? 95.39  109.40 -14.01 2.10 N 
22 1 "C2'" A U 918 ? ? "C3'" A U 918 ? ? "O3'" A U 918 ? ? 130.14 113.70 16.44  1.60 N 
23 1 "O4'" A U 918 ? ? "C1'" A U 918 ? ? N1    A U 918 ? ? 112.97 108.50 4.47   0.70 N 
24 1 "C3'" A U 918 ? ? "O3'" A U 918 ? ? P     A G 919 ? ? 127.73 119.70 8.03   1.20 Y 
25 1 "C4'" A G 919 ? ? "C3'" A G 919 ? ? "O3'" A G 919 ? ? 126.43 113.00 13.43  2.00 N 
26 1 "C2'" A G 919 ? ? "C3'" A G 919 ? ? "O3'" A G 919 ? ? 92.98  109.50 -16.52 2.20 N 
27 1 N7    A G 919 ? ? C8    A G 919 ? ? N9    A G 919 ? ? 118.21 113.10 5.11   0.50 N 
28 1 C8    A G 919 ? ? N9    A G 919 ? ? C4    A G 919 ? ? 102.81 106.40 -3.59  0.40 N 
29 1 "C5'" A U 920 ? ? "C4'" A U 920 ? ? "C3'" A U 920 ? ? 105.97 115.20 -9.23  1.40 N 
30 1 "C2'" A U 920 ? ? "C3'" A U 920 ? ? "O3'" A U 920 ? ? 123.59 113.70 9.89   1.60 N 
31 1 "C3'" A U 920 ? ? "C2'" A U 920 ? ? "C1'" A U 920 ? ? 108.88 101.50 7.38   0.80 N 
32 1 N7    A A 921 ? ? C8    A A 921 ? ? N9    A A 921 ? ? 117.64 113.80 3.84   0.50 N 
# 
_pdbx_validate_planes.id              1 
_pdbx_validate_planes.PDB_model_num   1 
_pdbx_validate_planes.auth_comp_id    U 
_pdbx_validate_planes.auth_asym_id    A 
_pdbx_validate_planes.auth_seq_id     917 
_pdbx_validate_planes.PDB_ins_code    ? 
_pdbx_validate_planes.label_alt_id    ? 
_pdbx_validate_planes.rmsd            0.100 
_pdbx_validate_planes.type            'SIDE CHAIN' 
# 
_pdbx_nmr_ensemble.entry_id                             1S2F 
_pdbx_nmr_ensemble.conformers_calculated_total_number   ? 
_pdbx_nmr_ensemble.conformers_submitted_total_number    1 
_pdbx_nmr_ensemble.conformer_selection_criteria         ? 
# 
_pdbx_nmr_representative.entry_id             1S2F 
_pdbx_nmr_representative.conformer_id         1 
_pdbx_nmr_representative.selection_criteria   'minimized average structure' 
# 
_pdbx_nmr_sample_details.solution_id      1 
_pdbx_nmr_sample_details.contents         'RNA Residues 907-929 from NRS (NRS23)' 
_pdbx_nmr_sample_details.solvent_system   '10 mM Sodium Phosphate, 25 mM NaCl, pH 6.5' 
# 
_pdbx_nmr_exptl_sample_conditions.conditions_id       1 
_pdbx_nmr_exptl_sample_conditions.temperature         298 
_pdbx_nmr_exptl_sample_conditions.pressure            ambient 
_pdbx_nmr_exptl_sample_conditions.pH                  6.5 
_pdbx_nmr_exptl_sample_conditions.ionic_strength      '25 mM NaCl, 10 mM NaPi' 
_pdbx_nmr_exptl_sample_conditions.pressure_units      ? 
_pdbx_nmr_exptl_sample_conditions.temperature_units   K 
# 
loop_
_pdbx_nmr_exptl.experiment_id 
_pdbx_nmr_exptl.solution_id 
_pdbx_nmr_exptl.conditions_id 
_pdbx_nmr_exptl.type 
1 1 1 '2D NOESY'             
2 1 1 3D_13C-separated_NOESY 
3 1 1 HNN-COSY               
4 1 1 DQF-COSY               
# 
_pdbx_nmr_details.entry_id   1S2F 
_pdbx_nmr_details.text       'Exchangeable proton spectra collected at 15 Celsius' 
# 
_pdbx_nmr_refine.entry_id           1S2F 
_pdbx_nmr_refine.method             'Simulated annealing. Torsion angle dynamics in refinement.' 
_pdbx_nmr_refine.details            
;100 structurews were calculated, the minimized average from the 15 lowest energy structures is presented. Constraints used: 423 distance, 63 torsion angle, 117 orientation (RDC). The DELPIC database was employed in the refinement as follows: torsion angle database active for all residues, base-base positional database active for residues 907-912, 914-916, and 921-929.  
DELPHIC database reference: Clore, G.M. Kuszewski, J. J. Am. Chem. Soc. 125: 1518-1525
;
_pdbx_nmr_refine.software_ordinal   1 
# 
loop_
_pdbx_nmr_software.name 
_pdbx_nmr_software.version 
_pdbx_nmr_software.classification 
_pdbx_nmr_software.authors 
_pdbx_nmr_software.ordinal 
Xplor-NIH xplor-nih-2.0.6 refinement      'C.D. Schwieters, J.J.  Kuszewski,N. Tjandra, and G.M. Clore'          1 
NMRPipe   4.1             'data analysis' 'F. Delaglio, S. Grzesiek, G. Vuister, G. Zhu, J. Pfeifer, and A. Bax' 2 
VNMR      6.1C            collection      'varian inc.'                                                          3 
NMRView   5.0.4           'data analysis' 'Johnson, B.A.'                                                        4 
# 
loop_
_chem_comp_atom.comp_id 
_chem_comp_atom.atom_id 
_chem_comp_atom.type_symbol 
_chem_comp_atom.pdbx_aromatic_flag 
_chem_comp_atom.pdbx_stereo_config 
_chem_comp_atom.pdbx_ordinal 
A OP3    O N N 1   
A P      P N N 2   
A OP1    O N N 3   
A OP2    O N N 4   
A "O5'"  O N N 5   
A "C5'"  C N N 6   
A "C4'"  C N R 7   
A "O4'"  O N N 8   
A "C3'"  C N S 9   
A "O3'"  O N N 10  
A "C2'"  C N R 11  
A "O2'"  O N N 12  
A "C1'"  C N R 13  
A N9     N Y N 14  
A C8     C Y N 15  
A N7     N Y N 16  
A C5     C Y N 17  
A C6     C Y N 18  
A N6     N N N 19  
A N1     N Y N 20  
A C2     C Y N 21  
A N3     N Y N 22  
A C4     C Y N 23  
A HOP3   H N N 24  
A HOP2   H N N 25  
A "H5'"  H N N 26  
A "H5''" H N N 27  
A "H4'"  H N N 28  
A "H3'"  H N N 29  
A "HO3'" H N N 30  
A "H2'"  H N N 31  
A "HO2'" H N N 32  
A "H1'"  H N N 33  
A H8     H N N 34  
A H61    H N N 35  
A H62    H N N 36  
A H2     H N N 37  
C OP3    O N N 38  
C P      P N N 39  
C OP1    O N N 40  
C OP2    O N N 41  
C "O5'"  O N N 42  
C "C5'"  C N N 43  
C "C4'"  C N R 44  
C "O4'"  O N N 45  
C "C3'"  C N S 46  
C "O3'"  O N N 47  
C "C2'"  C N R 48  
C "O2'"  O N N 49  
C "C1'"  C N R 50  
C N1     N N N 51  
C C2     C N N 52  
C O2     O N N 53  
C N3     N N N 54  
C C4     C N N 55  
C N4     N N N 56  
C C5     C N N 57  
C C6     C N N 58  
C HOP3   H N N 59  
C HOP2   H N N 60  
C "H5'"  H N N 61  
C "H5''" H N N 62  
C "H4'"  H N N 63  
C "H3'"  H N N 64  
C "HO3'" H N N 65  
C "H2'"  H N N 66  
C "HO2'" H N N 67  
C "H1'"  H N N 68  
C H41    H N N 69  
C H42    H N N 70  
C H5     H N N 71  
C H6     H N N 72  
G OP3    O N N 73  
G P      P N N 74  
G OP1    O N N 75  
G OP2    O N N 76  
G "O5'"  O N N 77  
G "C5'"  C N N 78  
G "C4'"  C N R 79  
G "O4'"  O N N 80  
G "C3'"  C N S 81  
G "O3'"  O N N 82  
G "C2'"  C N R 83  
G "O2'"  O N N 84  
G "C1'"  C N R 85  
G N9     N Y N 86  
G C8     C Y N 87  
G N7     N Y N 88  
G C5     C Y N 89  
G C6     C N N 90  
G O6     O N N 91  
G N1     N N N 92  
G C2     C N N 93  
G N2     N N N 94  
G N3     N N N 95  
G C4     C Y N 96  
G HOP3   H N N 97  
G HOP2   H N N 98  
G "H5'"  H N N 99  
G "H5''" H N N 100 
G "H4'"  H N N 101 
G "H3'"  H N N 102 
G "HO3'" H N N 103 
G "H2'"  H N N 104 
G "HO2'" H N N 105 
G "H1'"  H N N 106 
G H8     H N N 107 
G H1     H N N 108 
G H21    H N N 109 
G H22    H N N 110 
U OP3    O N N 111 
U P      P N N 112 
U OP1    O N N 113 
U OP2    O N N 114 
U "O5'"  O N N 115 
U "C5'"  C N N 116 
U "C4'"  C N R 117 
U "O4'"  O N N 118 
U "C3'"  C N S 119 
U "O3'"  O N N 120 
U "C2'"  C N R 121 
U "O2'"  O N N 122 
U "C1'"  C N R 123 
U N1     N N N 124 
U C2     C N N 125 
U O2     O N N 126 
U N3     N N N 127 
U C4     C N N 128 
U O4     O N N 129 
U C5     C N N 130 
U C6     C N N 131 
U HOP3   H N N 132 
U HOP2   H N N 133 
U "H5'"  H N N 134 
U "H5''" H N N 135 
U "H4'"  H N N 136 
U "H3'"  H N N 137 
U "HO3'" H N N 138 
U "H2'"  H N N 139 
U "HO2'" H N N 140 
U "H1'"  H N N 141 
U H3     H N N 142 
U H5     H N N 143 
U H6     H N N 144 
# 
loop_
_chem_comp_bond.comp_id 
_chem_comp_bond.atom_id_1 
_chem_comp_bond.atom_id_2 
_chem_comp_bond.value_order 
_chem_comp_bond.pdbx_aromatic_flag 
_chem_comp_bond.pdbx_stereo_config 
_chem_comp_bond.pdbx_ordinal 
A OP3   P      sing N N 1   
A OP3   HOP3   sing N N 2   
A P     OP1    doub N N 3   
A P     OP2    sing N N 4   
A P     "O5'"  sing N N 5   
A OP2   HOP2   sing N N 6   
A "O5'" "C5'"  sing N N 7   
A "C5'" "C4'"  sing N N 8   
A "C5'" "H5'"  sing N N 9   
A "C5'" "H5''" sing N N 10  
A "C4'" "O4'"  sing N N 11  
A "C4'" "C3'"  sing N N 12  
A "C4'" "H4'"  sing N N 13  
A "O4'" "C1'"  sing N N 14  
A "C3'" "O3'"  sing N N 15  
A "C3'" "C2'"  sing N N 16  
A "C3'" "H3'"  sing N N 17  
A "O3'" "HO3'" sing N N 18  
A "C2'" "O2'"  sing N N 19  
A "C2'" "C1'"  sing N N 20  
A "C2'" "H2'"  sing N N 21  
A "O2'" "HO2'" sing N N 22  
A "C1'" N9     sing N N 23  
A "C1'" "H1'"  sing N N 24  
A N9    C8     sing Y N 25  
A N9    C4     sing Y N 26  
A C8    N7     doub Y N 27  
A C8    H8     sing N N 28  
A N7    C5     sing Y N 29  
A C5    C6     sing Y N 30  
A C5    C4     doub Y N 31  
A C6    N6     sing N N 32  
A C6    N1     doub Y N 33  
A N6    H61    sing N N 34  
A N6    H62    sing N N 35  
A N1    C2     sing Y N 36  
A C2    N3     doub Y N 37  
A C2    H2     sing N N 38  
A N3    C4     sing Y N 39  
C OP3   P      sing N N 40  
C OP3   HOP3   sing N N 41  
C P     OP1    doub N N 42  
C P     OP2    sing N N 43  
C P     "O5'"  sing N N 44  
C OP2   HOP2   sing N N 45  
C "O5'" "C5'"  sing N N 46  
C "C5'" "C4'"  sing N N 47  
C "C5'" "H5'"  sing N N 48  
C "C5'" "H5''" sing N N 49  
C "C4'" "O4'"  sing N N 50  
C "C4'" "C3'"  sing N N 51  
C "C4'" "H4'"  sing N N 52  
C "O4'" "C1'"  sing N N 53  
C "C3'" "O3'"  sing N N 54  
C "C3'" "C2'"  sing N N 55  
C "C3'" "H3'"  sing N N 56  
C "O3'" "HO3'" sing N N 57  
C "C2'" "O2'"  sing N N 58  
C "C2'" "C1'"  sing N N 59  
C "C2'" "H2'"  sing N N 60  
C "O2'" "HO2'" sing N N 61  
C "C1'" N1     sing N N 62  
C "C1'" "H1'"  sing N N 63  
C N1    C2     sing N N 64  
C N1    C6     sing N N 65  
C C2    O2     doub N N 66  
C C2    N3     sing N N 67  
C N3    C4     doub N N 68  
C C4    N4     sing N N 69  
C C4    C5     sing N N 70  
C N4    H41    sing N N 71  
C N4    H42    sing N N 72  
C C5    C6     doub N N 73  
C C5    H5     sing N N 74  
C C6    H6     sing N N 75  
G OP3   P      sing N N 76  
G OP3   HOP3   sing N N 77  
G P     OP1    doub N N 78  
G P     OP2    sing N N 79  
G P     "O5'"  sing N N 80  
G OP2   HOP2   sing N N 81  
G "O5'" "C5'"  sing N N 82  
G "C5'" "C4'"  sing N N 83  
G "C5'" "H5'"  sing N N 84  
G "C5'" "H5''" sing N N 85  
G "C4'" "O4'"  sing N N 86  
G "C4'" "C3'"  sing N N 87  
G "C4'" "H4'"  sing N N 88  
G "O4'" "C1'"  sing N N 89  
G "C3'" "O3'"  sing N N 90  
G "C3'" "C2'"  sing N N 91  
G "C3'" "H3'"  sing N N 92  
G "O3'" "HO3'" sing N N 93  
G "C2'" "O2'"  sing N N 94  
G "C2'" "C1'"  sing N N 95  
G "C2'" "H2'"  sing N N 96  
G "O2'" "HO2'" sing N N 97  
G "C1'" N9     sing N N 98  
G "C1'" "H1'"  sing N N 99  
G N9    C8     sing Y N 100 
G N9    C4     sing Y N 101 
G C8    N7     doub Y N 102 
G C8    H8     sing N N 103 
G N7    C5     sing Y N 104 
G C5    C6     sing N N 105 
G C5    C4     doub Y N 106 
G C6    O6     doub N N 107 
G C6    N1     sing N N 108 
G N1    C2     sing N N 109 
G N1    H1     sing N N 110 
G C2    N2     sing N N 111 
G C2    N3     doub N N 112 
G N2    H21    sing N N 113 
G N2    H22    sing N N 114 
G N3    C4     sing N N 115 
U OP3   P      sing N N 116 
U OP3   HOP3   sing N N 117 
U P     OP1    doub N N 118 
U P     OP2    sing N N 119 
U P     "O5'"  sing N N 120 
U OP2   HOP2   sing N N 121 
U "O5'" "C5'"  sing N N 122 
U "C5'" "C4'"  sing N N 123 
U "C5'" "H5'"  sing N N 124 
U "C5'" "H5''" sing N N 125 
U "C4'" "O4'"  sing N N 126 
U "C4'" "C3'"  sing N N 127 
U "C4'" "H4'"  sing N N 128 
U "O4'" "C1'"  sing N N 129 
U "C3'" "O3'"  sing N N 130 
U "C3'" "C2'"  sing N N 131 
U "C3'" "H3'"  sing N N 132 
U "O3'" "HO3'" sing N N 133 
U "C2'" "O2'"  sing N N 134 
U "C2'" "C1'"  sing N N 135 
U "C2'" "H2'"  sing N N 136 
U "O2'" "HO2'" sing N N 137 
U "C1'" N1     sing N N 138 
U "C1'" "H1'"  sing N N 139 
U N1    C2     sing N N 140 
U N1    C6     sing N N 141 
U C2    O2     doub N N 142 
U C2    N3     sing N N 143 
U N3    C4     sing N N 144 
U N3    H3     sing N N 145 
U C4    O4     doub N N 146 
U C4    C5     sing N N 147 
U C5    C6     doub N N 148 
U C5    H5     sing N N 149 
U C6    H6     sing N N 150 
# 
loop_
_ndb_struct_conf_na.entry_id 
_ndb_struct_conf_na.feature 
1S2F 'double helix'         
1S2F 'a-form double helix'  
1S2F 'hairpin loop'         
1S2F 'bulge loop'           
1S2F 'mismatched base pair' 
# 
loop_
_ndb_struct_na_base_pair.model_number 
_ndb_struct_na_base_pair.i_label_asym_id 
_ndb_struct_na_base_pair.i_label_comp_id 
_ndb_struct_na_base_pair.i_label_seq_id 
_ndb_struct_na_base_pair.i_symmetry 
_ndb_struct_na_base_pair.j_label_asym_id 
_ndb_struct_na_base_pair.j_label_comp_id 
_ndb_struct_na_base_pair.j_label_seq_id 
_ndb_struct_na_base_pair.j_symmetry 
_ndb_struct_na_base_pair.shear 
_ndb_struct_na_base_pair.stretch 
_ndb_struct_na_base_pair.stagger 
_ndb_struct_na_base_pair.buckle 
_ndb_struct_na_base_pair.propeller 
_ndb_struct_na_base_pair.opening 
_ndb_struct_na_base_pair.pair_number 
_ndb_struct_na_base_pair.pair_name 
_ndb_struct_na_base_pair.i_auth_asym_id 
_ndb_struct_na_base_pair.i_auth_seq_id 
_ndb_struct_na_base_pair.i_PDB_ins_code 
_ndb_struct_na_base_pair.j_auth_asym_id 
_ndb_struct_na_base_pair.j_auth_seq_id 
_ndb_struct_na_base_pair.j_PDB_ins_code 
_ndb_struct_na_base_pair.hbond_type_28 
_ndb_struct_na_base_pair.hbond_type_12 
1 A G 1  1_555 A C 23 1_555 0.520  -0.051 -0.055 -9.615 -11.654 -1.818 1 A_G907:C929_A A 907 ? A 929 ? 19 1 
1 A G 2  1_555 A C 22 1_555 -0.152 -0.179 0.055  -7.302 -22.638 -2.101 2 A_G908:C928_A A 908 ? A 928 ? 19 1 
1 A G 3  1_555 A C 21 1_555 -0.211 -0.139 0.183  -5.767 -6.042  -1.915 3 A_G909:C927_A A 909 ? A 927 ? 19 1 
1 A G 4  1_555 A U 20 1_555 -1.787 -0.345 -0.086 -3.006 -15.599 -0.021 4 A_G910:U926_A A 910 ? A 926 ? 28 1 
1 A A 5  1_555 A U 19 1_555 0.058  -0.127 -0.364 -5.113 -19.642 1.176  5 A_A911:U925_A A 911 ? A 925 ? 20 1 
1 A G 6  1_555 A C 18 1_555 0.132  -0.091 -0.323 -0.818 -13.207 -2.793 6 A_G912:C924_A A 912 ? A 924 ? 19 1 
1 A G 8  1_555 A C 17 1_555 -0.927 -0.385 -0.221 5.441  -15.821 2.858  7 A_G914:C923_A A 914 ? A 923 ? 19 1 
1 A G 9  1_555 A U 16 1_555 -2.028 -0.452 -0.539 4.442  -8.902  2.394  8 A_G915:U922_A A 915 ? A 922 ? 28 1 
1 A U 11 1_555 A A 15 1_555 0.630  -0.427 1.290  24.236 7.179   31.231 9 A_U917:A921_A A 917 ? A 921 ? ?  1 
# 
loop_
_ndb_struct_na_base_pair_step.model_number 
_ndb_struct_na_base_pair_step.i_label_asym_id_1 
_ndb_struct_na_base_pair_step.i_label_comp_id_1 
_ndb_struct_na_base_pair_step.i_label_seq_id_1 
_ndb_struct_na_base_pair_step.i_symmetry_1 
_ndb_struct_na_base_pair_step.j_label_asym_id_1 
_ndb_struct_na_base_pair_step.j_label_comp_id_1 
_ndb_struct_na_base_pair_step.j_label_seq_id_1 
_ndb_struct_na_base_pair_step.j_symmetry_1 
_ndb_struct_na_base_pair_step.i_label_asym_id_2 
_ndb_struct_na_base_pair_step.i_label_comp_id_2 
_ndb_struct_na_base_pair_step.i_label_seq_id_2 
_ndb_struct_na_base_pair_step.i_symmetry_2 
_ndb_struct_na_base_pair_step.j_label_asym_id_2 
_ndb_struct_na_base_pair_step.j_label_comp_id_2 
_ndb_struct_na_base_pair_step.j_label_seq_id_2 
_ndb_struct_na_base_pair_step.j_symmetry_2 
_ndb_struct_na_base_pair_step.shift 
_ndb_struct_na_base_pair_step.slide 
_ndb_struct_na_base_pair_step.rise 
_ndb_struct_na_base_pair_step.tilt 
_ndb_struct_na_base_pair_step.roll 
_ndb_struct_na_base_pair_step.twist 
_ndb_struct_na_base_pair_step.x_displacement 
_ndb_struct_na_base_pair_step.y_displacement 
_ndb_struct_na_base_pair_step.helical_rise 
_ndb_struct_na_base_pair_step.inclination 
_ndb_struct_na_base_pair_step.tip 
_ndb_struct_na_base_pair_step.helical_twist 
_ndb_struct_na_base_pair_step.step_number 
_ndb_struct_na_base_pair_step.step_name 
_ndb_struct_na_base_pair_step.i_auth_asym_id_1 
_ndb_struct_na_base_pair_step.i_auth_seq_id_1 
_ndb_struct_na_base_pair_step.i_PDB_ins_code_1 
_ndb_struct_na_base_pair_step.j_auth_asym_id_1 
_ndb_struct_na_base_pair_step.j_auth_seq_id_1 
_ndb_struct_na_base_pair_step.j_PDB_ins_code_1 
_ndb_struct_na_base_pair_step.i_auth_asym_id_2 
_ndb_struct_na_base_pair_step.i_auth_seq_id_2 
_ndb_struct_na_base_pair_step.i_PDB_ins_code_2 
_ndb_struct_na_base_pair_step.j_auth_asym_id_2 
_ndb_struct_na_base_pair_step.j_auth_seq_id_2 
_ndb_struct_na_base_pair_step.j_PDB_ins_code_2 
1 A G 1 1_555 A C 23 1_555 A G 2  1_555 A C 22 1_555 -0.006 -1.911 2.976 0.353  8.341  28.096 -5.273 0.075  2.324 16.719 -0.709 
29.286 1 AA_G907G908:C928C929_AA A 907 ? A 929 ? A 908 ? A 928 ? 
1 A G 2 1_555 A C 22 1_555 A G 3  1_555 A C 21 1_555 0.302  -1.908 3.169 -1.753 10.397 29.311 -5.289 -0.854 2.349 19.759 3.331  
31.110 2 AA_G908G909:C927C928_AA A 908 ? A 928 ? A 909 ? A 927 ? 
1 A G 3 1_555 A C 21 1_555 A G 4  1_555 A U 20 1_555 0.152  -2.299 2.886 -1.122 17.636 23.361 -7.063 -0.461 0.942 37.442 2.382  
29.218 3 AA_G909G910:U926C927_AA A 909 ? A 927 ? A 910 ? A 926 ? 
1 A G 4 1_555 A U 20 1_555 A A 5  1_555 A U 19 1_555 -0.068 -1.432 3.271 -0.050 7.863  39.719 -2.917 0.093  2.947 11.437 0.072  
40.459 4 AA_G910A911:U925U926_AA A 910 ? A 926 ? A 911 ? A 925 ? 
1 A A 5 1_555 A U 19 1_555 A G 6  1_555 A C 18 1_555 -0.296 -1.451 2.958 0.531  13.055 30.320 -4.374 0.595  2.161 23.629 -0.962 
32.954 5 AA_A911G912:C924U925_AA A 911 ? A 925 ? A 912 ? A 924 ? 
1 A G 6 1_555 A C 18 1_555 A G 8  1_555 A C 17 1_555 -2.478 -1.522 3.771 4.025  10.193 43.183 -3.017 3.670  3.120 13.590 -5.366 
44.487 6 AA_G912G914:C923C924_AA A 912 ? A 924 ? A 914 ? A 923 ? 
1 A G 8 1_555 A C 17 1_555 A G 9  1_555 A U 16 1_555 -0.363 -1.918 3.305 -3.826 6.387  25.129 -5.873 -0.180 2.765 14.284 8.557  
26.192 7 AA_G914G915:U922C923_AA A 914 ? A 923 ? A 915 ? A 922 ? 
1 A G 9 1_555 A U 16 1_555 A U 11 1_555 A A 15 1_555 -0.212 -0.979 3.970 1.638  17.828 53.911 -2.207 0.331  3.505 19.082 -1.754 
56.594 8 AA_G915U917:A921U922_AA A 915 ? A 922 ? A 917 ? A 921 ? 
# 
loop_
_pdbx_nmr_spectrometer.spectrometer_id 
_pdbx_nmr_spectrometer.type 
_pdbx_nmr_spectrometer.manufacturer 
_pdbx_nmr_spectrometer.model 
_pdbx_nmr_spectrometer.field_strength 
1 ? Varian INOVA 500 
2 ? Varian INOVA 600 
3 ? Varian INOVA 800 
4 ? Bruker DRX   500 
# 
_atom_sites.entry_id                    1S2F 
_atom_sites.fract_transf_matrix[1][1]   1.000000 
_atom_sites.fract_transf_matrix[1][2]   0.000000 
_atom_sites.fract_transf_matrix[1][3]   0.000000 
_atom_sites.fract_transf_matrix[2][1]   0.000000 
_atom_sites.fract_transf_matrix[2][2]   1.000000 
_atom_sites.fract_transf_matrix[2][3]   0.000000 
_atom_sites.fract_transf_matrix[3][1]   0.000000 
_atom_sites.fract_transf_matrix[3][2]   0.000000 
_atom_sites.fract_transf_matrix[3][3]   1.000000 
_atom_sites.fract_transf_vector[1]      0.00000 
_atom_sites.fract_transf_vector[2]      0.00000 
_atom_sites.fract_transf_vector[3]      0.00000 
# 
loop_
_atom_type.symbol 
C 
H 
N 
O 
P 
# 
loop_
_atom_site.group_PDB 
_atom_site.id 
_atom_site.type_symbol 
_atom_site.label_atom_id 
_atom_site.label_alt_id 
_atom_site.label_comp_id 
_atom_site.label_asym_id 
_atom_site.label_entity_id 
_atom_site.label_seq_id 
_atom_site.pdbx_PDB_ins_code 
_atom_site.Cartn_x 
_atom_site.Cartn_y 
_atom_site.Cartn_z 
_atom_site.occupancy 
_atom_site.B_iso_or_equiv 
_atom_site.pdbx_formal_charge 
_atom_site.auth_seq_id 
_atom_site.auth_comp_id 
_atom_site.auth_asym_id 
_atom_site.auth_atom_id 
_atom_site.pdbx_PDB_model_num 
ATOM 1   O "O5'"  . G A 1 1  ? -5.277  -5.682  -10.615 1.00 0.00 ? 907 G A "O5'"  1 
ATOM 2   C "C5'"  . G A 1 1  ? -5.207  -6.703  -11.619 1.00 0.00 ? 907 G A "C5'"  1 
ATOM 3   C "C4'"  . G A 1 1  ? -4.253  -6.343  -12.748 1.00 0.00 ? 907 G A "C4'"  1 
ATOM 4   O "O4'"  . G A 1 1  ? -4.688  -5.175  -13.450 1.00 0.00 ? 907 G A "O4'"  1 
ATOM 5   C "C3'"  . G A 1 1  ? -2.871  -5.990  -12.215 1.00 0.00 ? 907 G A "C3'"  1 
ATOM 6   O "O3'"  . G A 1 1  ? -2.055  -7.153  -12.027 1.00 0.00 ? 907 G A "O3'"  1 
ATOM 7   C "C2'"  . G A 1 1  ? -2.325  -5.091  -13.309 1.00 0.00 ? 907 G A "C2'"  1 
ATOM 8   O "O2'"  . G A 1 1  ? -1.710  -5.851  -14.355 1.00 0.00 ? 907 G A "O2'"  1 
ATOM 9   C "C1'"  . G A 1 1  ? -3.564  -4.360  -13.812 1.00 0.00 ? 907 G A "C1'"  1 
ATOM 10  N N9     . G A 1 1  ? -3.660  -3.016  -13.209 1.00 0.00 ? 907 G A N9     1 
ATOM 11  C C8     . G A 1 1  ? -4.471  -2.564  -12.220 1.00 0.00 ? 907 G A C8     1 
ATOM 12  N N7     . G A 1 1  ? -4.346  -1.330  -11.861 1.00 0.00 ? 907 G A N7     1 
ATOM 13  C C5     . G A 1 1  ? -3.326  -0.888  -12.710 1.00 0.00 ? 907 G A C5     1 
ATOM 14  C C6     . G A 1 1  ? -2.720  0.392   -12.814 1.00 0.00 ? 907 G A C6     1 
ATOM 15  O O6     . G A 1 1  ? -2.967  1.407   -12.167 1.00 0.00 ? 907 G A O6     1 
ATOM 16  N N1     . G A 1 1  ? -1.734  0.411   -13.792 1.00 0.00 ? 907 G A N1     1 
ATOM 17  C C2     . G A 1 1  ? -1.373  -0.666  -14.577 1.00 0.00 ? 907 G A C2     1 
ATOM 18  N N2     . G A 1 1  ? -0.399  -0.450  -15.462 1.00 0.00 ? 907 G A N2     1 
ATOM 19  N N3     . G A 1 1  ? -1.936  -1.873  -14.484 1.00 0.00 ? 907 G A N3     1 
ATOM 20  C C4     . G A 1 1  ? -2.899  -1.916  -13.537 1.00 0.00 ? 907 G A C4     1 
ATOM 21  H "H5'"  . G A 1 1  ? -6.183  -6.837  -12.065 1.00 0.00 ? 907 G A "H5'"  1 
ATOM 22  H "H5''" . G A 1 1  ? -4.888  -7.641  -11.140 1.00 0.00 ? 907 G A "H5''" 1 
ATOM 23  H "H4'"  . G A 1 1  ? -4.177  -7.175  -13.446 1.00 0.00 ? 907 G A "H4'"  1 
ATOM 24  H "H3'"  . G A 1 1  ? -2.966  -5.426  -11.283 1.00 0.00 ? 907 G A "H3'"  1 
ATOM 25  H "H2'"  . G A 1 1  ? -1.617  -4.376  -12.883 1.00 0.00 ? 907 G A "H2'"  1 
ATOM 26  H "HO2'" . G A 1 1  ? -2.088  -6.733  -14.329 1.00 0.00 ? 907 G A "HO2'" 1 
ATOM 27  H "H1'"  . G A 1 1  ? -3.516  -4.269  -14.897 1.00 0.00 ? 907 G A "H1'"  1 
ATOM 28  H H8     . G A 1 1  ? -5.201  -3.219  -11.745 1.00 0.00 ? 907 G A H8     1 
ATOM 29  H H1     . G A 1 1  ? -1.258  1.290   -13.924 1.00 0.00 ? 907 G A H1     1 
ATOM 30  H H21    . G A 1 1  ? 0.027   0.462   -15.532 1.00 0.00 ? 907 G A H21    1 
ATOM 31  H H22    . G A 1 1  ? -0.090  -1.200  -16.064 1.00 0.00 ? 907 G A H22    1 
ATOM 32  H "HO5'" . G A 1 1  ? -5.410  -6.119  -9.771  1.00 0.00 ? 907 G A "HO5'" 1 
ATOM 33  P P      . G A 1 2  ? -0.832  -7.131  -10.978 1.00 0.00 ? 908 G A P      1 
ATOM 34  O OP1    . G A 1 2  ? -0.226  -8.482  -10.944 1.00 0.00 ? 908 G A OP1    1 
ATOM 35  O OP2    . G A 1 2  ? -1.306  -6.503  -9.725  1.00 0.00 ? 908 G A OP2    1 
ATOM 36  O "O5'"  . G A 1 2  ? 0.214   -6.126  -11.680 1.00 0.00 ? 908 G A "O5'"  1 
ATOM 37  C "C5'"  . G A 1 2  ? 0.828   -6.469  -12.931 1.00 0.00 ? 908 G A "C5'"  1 
ATOM 38  C "C4'"  . G A 1 2  ? 1.617   -5.314  -13.530 1.00 0.00 ? 908 G A "C4'"  1 
ATOM 39  O "O4'"  . G A 1 2  ? 0.801   -4.156  -13.723 1.00 0.00 ? 908 G A "O4'"  1 
ATOM 40  C "C3'"  . G A 1 2  ? 2.718   -4.850  -12.590 1.00 0.00 ? 908 G A "C3'"  1 
ATOM 41  O "O3'"  . G A 1 2  ? 3.852   -5.716  -12.716 1.00 0.00 ? 908 G A "O3'"  1 
ATOM 42  C "C2'"  . G A 1 2  ? 2.969   -3.430  -13.068 1.00 0.00 ? 908 G A "C2'"  1 
ATOM 43  O "O2'"  . G A 1 2  ? 3.966   -3.396  -14.095 1.00 0.00 ? 908 G A "O2'"  1 
ATOM 44  C "C1'"  . G A 1 2  ? 1.612   -2.978  -13.602 1.00 0.00 ? 908 G A "C1'"  1 
ATOM 45  N N9     . G A 1 2  ? 0.987   -1.995  -12.694 1.00 0.00 ? 908 G A N9     1 
ATOM 46  C C8     . G A 1 2  ? 0.034   -2.175  -11.746 1.00 0.00 ? 908 G A C8     1 
ATOM 47  N N7     . G A 1 2  ? -0.355  -1.138  -11.083 1.00 0.00 ? 908 G A N7     1 
ATOM 48  C C5     . G A 1 2  ? 0.429   -0.128  -11.648 1.00 0.00 ? 908 G A C5     1 
ATOM 49  C C6     . G A 1 2  ? 0.479   1.260   -11.348 1.00 0.00 ? 908 G A C6     1 
ATOM 50  O O6     . G A 1 2  ? -0.176  1.883   -10.517 1.00 0.00 ? 908 G A O6     1 
ATOM 51  N N1     . G A 1 2  ? 1.403   1.922   -12.147 1.00 0.00 ? 908 G A N1     1 
ATOM 52  C C2     . G A 1 2  ? 2.193   1.325   -13.109 1.00 0.00 ? 908 G A C2     1 
ATOM 53  N N2     . G A 1 2  ? 3.021   2.130   -13.774 1.00 0.00 ? 908 G A N2     1 
ATOM 54  N N3     . G A 1 2  ? 2.151   0.022   -13.399 1.00 0.00 ? 908 G A N3     1 
ATOM 55  C C4     . G A 1 2  ? 1.258   -0.645  -12.632 1.00 0.00 ? 908 G A C4     1 
ATOM 56  H "H5'"  . G A 1 2  ? 0.062   -6.731  -13.648 1.00 0.00 ? 908 G A "H5'"  1 
ATOM 57  H "H5''" . G A 1 2  ? 1.490   -7.332  -12.768 1.00 0.00 ? 908 G A "H5''" 1 
ATOM 58  H "H4'"  . G A 1 2  ? 2.048   -5.616  -14.482 1.00 0.00 ? 908 G A "H4'"  1 
ATOM 59  H "H3'"  . G A 1 2  ? 2.348   -4.837  -11.560 1.00 0.00 ? 908 G A "H3'"  1 
ATOM 60  H "H2'"  . G A 1 2  ? 3.264   -2.801  -12.225 1.00 0.00 ? 908 G A "H2'"  1 
ATOM 61  H "HO2'" . G A 1 2  ? 4.336   -4.279  -14.165 1.00 0.00 ? 908 G A "HO2'" 1 
ATOM 62  H "H1'"  . G A 1 2  ? 1.743   -2.528  -14.586 1.00 0.00 ? 908 G A "H1'"  1 
ATOM 63  H H8     . G A 1 2  ? -0.389  -3.160  -11.549 1.00 0.00 ? 908 G A H8     1 
ATOM 64  H H1     . G A 1 2  ? 1.493   2.914   -11.989 1.00 0.00 ? 908 G A H1     1 
ATOM 65  H H21    . G A 1 2  ? 3.050   3.116   -13.557 1.00 0.00 ? 908 G A H21    1 
ATOM 66  H H22    . G A 1 2  ? 3.624   1.754   -14.492 1.00 0.00 ? 908 G A H22    1 
ATOM 67  P P      . G A 1 3  ? 4.973   -5.772  -11.561 1.00 0.00 ? 909 G A P      1 
ATOM 68  O OP1    . G A 1 3  ? 5.919   -6.862  -11.888 1.00 0.00 ? 909 G A OP1    1 
ATOM 69  O OP2    . G A 1 3  ? 4.288   -5.758  -10.248 1.00 0.00 ? 909 G A OP2    1 
ATOM 70  O "O5'"  . G A 1 3  ? 5.736   -4.367  -11.753 1.00 0.00 ? 909 G A "O5'"  1 
ATOM 71  C "C5'"  . G A 1 3  ? 6.076   -3.557  -10.621 1.00 0.00 ? 909 G A "C5'"  1 
ATOM 72  C "C4'"  . G A 1 3  ? 6.622   -2.198  -11.030 1.00 0.00 ? 909 G A "C4'"  1 
ATOM 73  O "O4'"  . G A 1 3  ? 5.586   -1.354  -11.539 1.00 0.00 ? 909 G A "O4'"  1 
ATOM 74  C "C3'"  . G A 1 3  ? 7.215   -1.464  -9.837  1.00 0.00 ? 909 G A "C3'"  1 
ATOM 75  O "O3'"  . G A 1 3  ? 8.615   -1.756  -9.773  1.00 0.00 ? 909 G A "O3'"  1 
ATOM 76  C "C2'"  . G A 1 3  ? 6.920   0.002   -10.114 1.00 0.00 ? 909 G A "C2'"  1 
ATOM 77  O "O2'"  . G A 1 3  ? 8.027   0.642   -10.759 1.00 0.00 ? 909 G A "O2'"  1 
ATOM 78  C "C1'"  . G A 1 3  ? 5.694   -0.020  -11.022 1.00 0.00 ? 909 G A "C1'"  1 
ATOM 79  N N9     . G A 1 3  ? 4.477   0.358   -10.278 1.00 0.00 ? 909 G A N9     1 
ATOM 80  C C8     . G A 1 3  ? 3.444   -0.414  -9.854  1.00 0.00 ? 909 G A C8     1 
ATOM 81  N N7     . G A 1 3  ? 2.486   0.168   -9.214  1.00 0.00 ? 909 G A N7     1 
ATOM 82  C C5     . G A 1 3  ? 2.917   1.498   -9.201  1.00 0.00 ? 909 G A C5     1 
ATOM 83  C C6     . G A 1 3  ? 2.299   2.649   -8.642  1.00 0.00 ? 909 G A C6     1 
ATOM 84  O O6     . G A 1 3  ? 1.232   2.722   -8.037  1.00 0.00 ? 909 G A O6     1 
ATOM 85  N N1     . G A 1 3  ? 3.064   3.788   -8.850  1.00 0.00 ? 909 G A N1     1 
ATOM 86  C C2     . G A 1 3  ? 4.275   3.824   -9.511  1.00 0.00 ? 909 G A C2     1 
ATOM 87  N N2     . G A 1 3  ? 4.863   5.016   -9.602  1.00 0.00 ? 909 G A N2     1 
ATOM 88  N N3     . G A 1 3  ? 4.863   2.747   -10.040 1.00 0.00 ? 909 G A N3     1 
ATOM 89  C C4     . G A 1 3  ? 4.136   1.623   -9.850  1.00 0.00 ? 909 G A C4     1 
ATOM 90  H "H5'"  . G A 1 3  ? 6.851   -4.047  -10.048 1.00 0.00 ? 909 G A "H5'"  1 
ATOM 91  H "H5''" . G A 1 3  ? 5.177   -3.430  -10.000 1.00 0.00 ? 909 G A "H5''" 1 
ATOM 92  H "H4'"  . G A 1 3  ? 7.386   -2.329  -11.795 1.00 0.00 ? 909 G A "H4'"  1 
ATOM 93  H "H3'"  . G A 1 3  ? 6.713   -1.778  -8.918  1.00 0.00 ? 909 G A "H3'"  1 
ATOM 94  H "H2'"  . G A 1 3  ? 6.678   0.513   -9.180  1.00 0.00 ? 909 G A "H2'"  1 
ATOM 95  H "HO2'" . G A 1 3  ? 8.752   0.013   -10.774 1.00 0.00 ? 909 G A "HO2'" 1 
ATOM 96  H "H1'"  . G A 1 3  ? 5.843   0.675   -11.848 1.00 0.00 ? 909 G A "H1'"  1 
ATOM 97  H H8     . G A 1 3  ? 3.426   -1.486  -10.046 1.00 0.00 ? 909 G A H8     1 
ATOM 98  H H1     . G A 1 3  ? 2.685   4.648   -8.477  1.00 0.00 ? 909 G A H1     1 
ATOM 99  H H21    . G A 1 3  ? 4.419   5.830   -9.202  1.00 0.00 ? 909 G A H21    1 
ATOM 100 H H22    . G A 1 3  ? 5.753   5.106   -10.072 1.00 0.00 ? 909 G A H22    1 
ATOM 101 P P      . G A 1 4  ? 9.407   -1.687  -8.373  1.00 0.00 ? 910 G A P      1 
ATOM 102 O OP1    . G A 1 4  ? 10.770  -2.222  -8.583  1.00 0.00 ? 910 G A OP1    1 
ATOM 103 O OP2    . G A 1 4  ? 8.540   -2.268  -7.321  1.00 0.00 ? 910 G A OP2    1 
ATOM 104 O "O5'"  . G A 1 4  ? 9.522   -0.101  -8.119  1.00 0.00 ? 910 G A "O5'"  1 
ATOM 105 C "C5'"  . G A 1 4  ? 9.174   0.465   -6.848  1.00 0.00 ? 910 G A "C5'"  1 
ATOM 106 C "C4'"  . G A 1 4  ? 9.231   1.985   -6.859  1.00 0.00 ? 910 G A "C4'"  1 
ATOM 107 O "O4'"  . G A 1 4  ? 8.175   2.544   -7.647  1.00 0.00 ? 910 G A "O4'"  1 
ATOM 108 C "C3'"  . G A 1 4  ? 9.025   2.552   -5.464  1.00 0.00 ? 910 G A "C3'"  1 
ATOM 109 O "O3'"  . G A 1 4  ? 10.250  2.577   -4.721  1.00 0.00 ? 910 G A "O3'"  1 
ATOM 110 C "C2'"  . G A 1 4  ? 8.502   3.943   -5.767  1.00 0.00 ? 910 G A "C2'"  1 
ATOM 111 O "O2'"  . G A 1 4  ? 9.570   4.862   -6.026  1.00 0.00 ? 910 G A "O2'"  1 
ATOM 112 C "C1'"  . G A 1 4  ? 7.649   3.717   -7.009  1.00 0.00 ? 910 G A "C1'"  1 
ATOM 113 N N9     . G A 1 4  ? 6.231   3.536   -6.640  1.00 0.00 ? 910 G A N9     1 
ATOM 114 C C8     . G A 1 4  ? 5.457   2.422   -6.686  1.00 0.00 ? 910 G A C8     1 
ATOM 115 N N7     . G A 1 4  ? 4.235   2.527   -6.283  1.00 0.00 ? 910 G A N7     1 
ATOM 116 C C5     . G A 1 4  ? 4.170   3.876   -5.918  1.00 0.00 ? 910 G A C5     1 
ATOM 117 C C6     . G A 1 4  ? 3.084   4.625   -5.392  1.00 0.00 ? 910 G A C6     1 
ATOM 118 O O6     . G A 1 4  ? 1.945   4.241   -5.139  1.00 0.00 ? 910 G A O6     1 
ATOM 119 N N1     . G A 1 4  ? 3.442   5.948   -5.164  1.00 0.00 ? 910 G A N1     1 
ATOM 120 C C2     . G A 1 4  ? 4.687   6.489   -5.409  1.00 0.00 ? 910 G A C2     1 
ATOM 121 N N2     . G A 1 4  ? 4.837   7.782   -5.125  1.00 0.00 ? 910 G A N2     1 
ATOM 122 N N3     . G A 1 4  ? 5.713   5.792   -5.905  1.00 0.00 ? 910 G A N3     1 
ATOM 123 C C4     . G A 1 4  ? 5.388   4.499   -6.135  1.00 0.00 ? 910 G A C4     1 
ATOM 124 H "H5'"  . G A 1 4  ? 9.880   0.129   -6.100  1.00 0.00 ? 910 G A "H5'"  1 
ATOM 125 H "H5''" . G A 1 4  ? 8.162   0.128   -6.582  1.00 0.00 ? 910 G A "H5''" 1 
ATOM 126 H "H4'"  . G A 1 4  ? 10.190  2.314   -7.254  1.00 0.00 ? 910 G A "H4'"  1 
ATOM 127 H "H3'"  . G A 1 4  ? 8.260   1.975   -4.937  1.00 0.00 ? 910 G A "H3'"  1 
ATOM 128 H "H2'"  . G A 1 4  ? 7.878   4.296   -4.942  1.00 0.00 ? 910 G A "H2'"  1 
ATOM 129 H "HO2'" . G A 1 4  ? 9.997   4.583   -6.838  1.00 0.00 ? 910 G A "HO2'" 1 
ATOM 130 H "H1'"  . G A 1 4  ? 7.745   4.571   -7.678  1.00 0.00 ? 910 G A "H1'"  1 
ATOM 131 H H8     . G A 1 4  ? 5.852   1.474   -7.050  1.00 0.00 ? 910 G A H8     1 
ATOM 132 H H1     . G A 1 4  ? 2.721   6.543   -4.785  1.00 0.00 ? 910 G A H1     1 
ATOM 133 H H21    . G A 1 4  ? 4.061   8.309   -4.750  1.00 0.00 ? 910 G A H21    1 
ATOM 134 H H22    . G A 1 4  ? 5.725   8.236   -5.284  1.00 0.00 ? 910 G A H22    1 
ATOM 135 P P      . A A 1 5  ? 10.244  2.338   -3.129  1.00 0.00 ? 911 A A P      1 
ATOM 136 O OP1    . A A 1 5  ? 11.643  2.377   -2.649  1.00 0.00 ? 911 A A OP1    1 
ATOM 137 O OP2    . A A 1 5  ? 9.397   1.158   -2.841  1.00 0.00 ? 911 A A OP2    1 
ATOM 138 O "O5'"  . A A 1 5  ? 9.484   3.648   -2.581  1.00 0.00 ? 911 A A "O5'"  1 
ATOM 139 C "C5'"  . A A 1 5  ? 10.049  4.949   -2.773  1.00 0.00 ? 911 A A "C5'"  1 
ATOM 140 C "C4'"  . A A 1 5  ? 9.107   6.048   -2.288  1.00 0.00 ? 911 A A "C4'"  1 
ATOM 141 O "O4'"  . A A 1 5  ? 7.916   6.108   -3.078  1.00 0.00 ? 911 A A "O4'"  1 
ATOM 142 C "C3'"  . A A 1 5  ? 8.627   5.782   -0.870  1.00 0.00 ? 911 A A "C3'"  1 
ATOM 143 O "O3'"  . A A 1 5  ? 9.591   6.254   0.080   1.00 0.00 ? 911 A A "O3'"  1 
ATOM 144 C "C2'"  . A A 1 5  ? 7.319   6.551   -0.825  1.00 0.00 ? 911 A A "C2'"  1 
ATOM 145 O "O2'"  . A A 1 5  ? 7.530   7.918   -0.450  1.00 0.00 ? 911 A A "O2'"  1 
ATOM 146 C "C1'"  . A A 1 5  ? 6.793   6.446   -2.252  1.00 0.00 ? 911 A A "C1'"  1 
ATOM 147 N N9     . A A 1 5  ? 5.736   5.420   -2.347  1.00 0.00 ? 911 A A N9     1 
ATOM 148 C C8     . A A 1 5  ? 5.819   4.120   -2.725  1.00 0.00 ? 911 A A C8     1 
ATOM 149 N N7     . A A 1 5  ? 4.730   3.426   -2.719  1.00 0.00 ? 911 A A N7     1 
ATOM 150 C C5     . A A 1 5  ? 3.797   4.372   -2.284  1.00 0.00 ? 911 A A C5     1 
ATOM 151 C C6     . A A 1 5  ? 2.419   4.306   -2.049  1.00 0.00 ? 911 A A C6     1 
ATOM 152 N N6     . A A 1 5  ? 1.702   3.197   -2.229  1.00 0.00 ? 911 A A N6     1 
ATOM 153 N N1     . A A 1 5  ? 1.810   5.425   -1.624  1.00 0.00 ? 911 A A N1     1 
ATOM 154 C C2     . A A 1 5  ? 2.508   6.546   -1.438  1.00 0.00 ? 911 A A C2     1 
ATOM 155 N N3     . A A 1 5  ? 3.811   6.721   -1.628  1.00 0.00 ? 911 A A N3     1 
ATOM 156 C C4     . A A 1 5  ? 4.401   5.586   -2.055  1.00 0.00 ? 911 A A C4     1 
ATOM 157 H "H5'"  . A A 1 5  ? 10.251  5.096   -3.833  1.00 0.00 ? 911 A A "H5'"  1 
ATOM 158 H "H5''" . A A 1 5  ? 10.986  5.013   -2.219  1.00 0.00 ? 911 A A "H5''" 1 
ATOM 159 H "H4'"  . A A 1 5  ? 9.616   7.011   -2.329  1.00 0.00 ? 911 A A "H4'"  1 
ATOM 160 H "H3'"  . A A 1 5  ? 8.436   4.713   -0.736  1.00 0.00 ? 911 A A "H3'"  1 
ATOM 161 H "H2'"  . A A 1 5  ? 6.626   6.066   -0.134  1.00 0.00 ? 911 A A "H2'"  1 
ATOM 162 H "HO2'" . A A 1 5  ? 7.491   8.444   -1.252  1.00 0.00 ? 911 A A "HO2'" 1 
ATOM 163 H "H1'"  . A A 1 5  ? 6.391   7.410   -2.562  1.00 0.00 ? 911 A A "H1'"  1 
ATOM 164 H H8     . A A 1 5  ? 6.770   3.676   -3.019  1.00 0.00 ? 911 A A H8     1 
ATOM 165 H H61    . A A 1 5  ? 0.709   3.202   -2.046  1.00 0.00 ? 911 A A H61    1 
ATOM 166 H H62    . A A 1 5  ? 2.152   2.350   -2.547  1.00 0.00 ? 911 A A H62    1 
ATOM 167 H H2     . A A 1 5  ? 1.947   7.416   -1.095  1.00 0.00 ? 911 A A H2     1 
ATOM 168 P P      . G A 1 6  ? 9.674   5.608   1.555   1.00 0.00 ? 912 G A P      1 
ATOM 169 O OP1    . G A 1 6  ? 10.830  6.206   2.258   1.00 0.00 ? 912 G A OP1    1 
ATOM 170 O OP2    . G A 1 6  ? 9.568   4.137   1.426   1.00 0.00 ? 912 G A OP2    1 
ATOM 171 O "O5'"  . G A 1 6  ? 8.327   6.149   2.249   1.00 0.00 ? 912 G A "O5'"  1 
ATOM 172 C "C5'"  . G A 1 6  ? 8.106   7.557   2.418   1.00 0.00 ? 912 G A "C5'"  1 
ATOM 173 C "C4'"  . G A 1 6  ? 6.755   7.853   3.046   1.00 0.00 ? 912 G A "C4'"  1 
ATOM 174 O "O4'"  . G A 1 6  ? 5.699   7.461   2.160   1.00 0.00 ? 912 G A "O4'"  1 
ATOM 175 C "C3'"  . G A 1 6  ? 6.575   7.078   4.350   1.00 0.00 ? 912 G A "C3'"  1 
ATOM 176 O "O3'"  . G A 1 6  ? 6.624   7.957   5.494   1.00 0.00 ? 912 G A "O3'"  1 
ATOM 177 C "C2'"  . G A 1 6  ? 5.202   6.435   4.217   1.00 0.00 ? 912 G A "C2'"  1 
ATOM 178 O "O2'"  . G A 1 6  ? 4.349   6.875   5.259   1.00 0.00 ? 912 G A "O2'"  1 
ATOM 179 C "C1'"  . G A 1 6  ? 4.624   6.843   2.869   1.00 0.00 ? 912 G A "C1'"  1 
ATOM 180 N N9     . G A 1 6  ? 4.093   5.668   2.144   1.00 0.00 ? 912 G A N9     1 
ATOM 181 C C8     . G A 1 6  ? 4.758   4.683   1.490   1.00 0.00 ? 912 G A C8     1 
ATOM 182 N N7     . G A 1 6  ? 4.059   3.735   0.963   1.00 0.00 ? 912 G A N7     1 
ATOM 183 C C5     . G A 1 6  ? 2.756   4.118   1.301   1.00 0.00 ? 912 G A C5     1 
ATOM 184 C C6     . G A 1 6  ? 1.519   3.489   1.000   1.00 0.00 ? 912 G A C6     1 
ATOM 185 O O6     . G A 1 6  ? 1.323   2.441   0.389   1.00 0.00 ? 912 G A O6     1 
ATOM 186 N N1     . G A 1 6  ? 0.446   4.202   1.517   1.00 0.00 ? 912 G A N1     1 
ATOM 187 C C2     . G A 1 6  ? 0.542   5.381   2.226   1.00 0.00 ? 912 G A C2     1 
ATOM 188 N N2     . G A 1 6  ? -0.609  5.917   2.632   1.00 0.00 ? 912 G A N2     1 
ATOM 189 N N3     . G A 1 6  ? 1.703   5.985   2.508   1.00 0.00 ? 912 G A N3     1 
ATOM 190 C C4     . G A 1 6  ? 2.766   5.309   2.012   1.00 0.00 ? 912 G A C4     1 
ATOM 191 H "H5'"  . G A 1 6  ? 8.115   8.040   1.450   1.00 0.00 ? 912 G A "H5'"  1 
ATOM 192 H "H5''" . G A 1 6  ? 8.913   7.965   3.043   1.00 0.00 ? 912 G A "H5''" 1 
ATOM 193 H "H4'"  . G A 1 6  ? 6.676   8.920   3.247   1.00 0.00 ? 912 G A "H4'"  1 
ATOM 194 H "H3'"  . G A 1 6  ? 7.340   6.301   4.430   1.00 0.00 ? 912 G A "H3'"  1 
ATOM 195 H "H2'"  . G A 1 6  ? 5.302   5.348   4.258   1.00 0.00 ? 912 G A "H2'"  1 
ATOM 196 H "HO2'" . G A 1 6  ? 4.362   7.835   5.253   1.00 0.00 ? 912 G A "HO2'" 1 
ATOM 197 H "H1'"  . G A 1 6  ? 3.825   7.568   3.023   1.00 0.00 ? 912 G A "H1'"  1 
ATOM 198 H H8     . G A 1 6  ? 5.844   4.691   1.413   1.00 0.00 ? 912 G A H8     1 
ATOM 199 H H1     . G A 1 6  ? -0.470  3.812   1.345   1.00 0.00 ? 912 G A H1     1 
ATOM 200 H H21    . G A 1 6  ? -1.483  5.454   2.424   1.00 0.00 ? 912 G A H21    1 
ATOM 201 H H22    . G A 1 6  ? -0.608  6.780   3.158   1.00 0.00 ? 912 G A H22    1 
ATOM 202 P P      . U A 1 7  ? 6.484   7.389   7.007   1.00 0.00 ? 913 U A P      1 
ATOM 203 O OP1    . U A 1 7  ? 7.477   8.082   7.859   1.00 0.00 ? 913 U A OP1    1 
ATOM 204 O OP2    . U A 1 7  ? 6.471   5.908   6.953   1.00 0.00 ? 913 U A OP2    1 
ATOM 205 O "O5'"  . U A 1 7  ? 5.007   7.885   7.446   1.00 0.00 ? 913 U A "O5'"  1 
ATOM 206 C "C5'"  . U A 1 7  ? 4.763   9.251   7.813   1.00 0.00 ? 913 U A "C5'"  1 
ATOM 207 C "C4'"  . U A 1 7  ? 3.270   9.541   8.006   1.00 0.00 ? 913 U A "C4'"  1 
ATOM 208 O "O4'"  . U A 1 7  ? 2.520   9.216   6.831   1.00 0.00 ? 913 U A "O4'"  1 
ATOM 209 C "C3'"  . U A 1 7  ? 2.670   8.701   9.131   1.00 0.00 ? 913 U A "C3'"  1 
ATOM 210 O "O3'"  . U A 1 7  ? 2.687   9.465   10.347  1.00 0.00 ? 913 U A "O3'"  1 
ATOM 211 C "C2'"  . U A 1 7  ? 1.254   8.399   8.656   1.00 0.00 ? 913 U A "C2'"  1 
ATOM 212 O "O2'"  . U A 1 7  ? 0.317   9.348   9.177   1.00 0.00 ? 913 U A "O2'"  1 
ATOM 213 C "C1'"  . U A 1 7  ? 1.324   8.484   7.139   1.00 0.00 ? 913 U A "C1'"  1 
ATOM 214 N N1     . U A 1 7  ? 1.357   7.136   6.531   1.00 0.00 ? 913 U A N1     1 
ATOM 215 C C2     . U A 1 7  ? 0.256   6.728   5.798   1.00 0.00 ? 913 U A C2     1 
ATOM 216 O O2     . U A 1 7  ? -0.755  7.421   5.688   1.00 0.00 ? 913 U A O2     1 
ATOM 217 N N3     . U A 1 7  ? 0.355   5.485   5.199   1.00 0.00 ? 913 U A N3     1 
ATOM 218 C C4     . U A 1 7  ? 1.442   4.629   5.267   1.00 0.00 ? 913 U A C4     1 
ATOM 219 O O4     . U A 1 7  ? 1.427   3.549   4.680   1.00 0.00 ? 913 U A O4     1 
ATOM 220 C C5     . U A 1 7  ? 2.537   5.133   6.059   1.00 0.00 ? 913 U A C5     1 
ATOM 221 C C6     . U A 1 7  ? 2.462   6.345   6.655   1.00 0.00 ? 913 U A C6     1 
ATOM 222 H "H5'"  . U A 1 7  ? 5.149   9.901   7.028   1.00 0.00 ? 913 U A "H5'"  1 
ATOM 223 H "H5''" . U A 1 7  ? 5.290   9.468   8.742   1.00 0.00 ? 913 U A "H5''" 1 
ATOM 224 H "H4'"  . U A 1 7  ? 3.136   10.596  8.234   1.00 0.00 ? 913 U A "H4'"  1 
ATOM 225 H "H3'"  . U A 1 7  ? 3.234   7.773   9.250   1.00 0.00 ? 913 U A "H3'"  1 
ATOM 226 H "H2'"  . U A 1 7  ? 0.974   7.386   8.956   1.00 0.00 ? 913 U A "H2'"  1 
ATOM 227 H "HO2'" . U A 1 7  ? 0.165   9.124   10.098  1.00 0.00 ? 913 U A "HO2'" 1 
ATOM 228 H "H1'"  . U A 1 7  ? 0.458   9.030   6.766   1.00 0.00 ? 913 U A "H1'"  1 
ATOM 229 H H3     . U A 1 7  ? -0.446  5.164   4.677   1.00 0.00 ? 913 U A H3     1 
ATOM 230 H H5     . U A 1 7  ? 3.439   4.533   6.174   1.00 0.00 ? 913 U A H5     1 
ATOM 231 H H6     . U A 1 7  ? 3.310   6.702   7.241   1.00 0.00 ? 913 U A H6     1 
ATOM 232 P P      . G A 1 8  ? 2.221   8.817   11.750  1.00 0.00 ? 914 G A P      1 
ATOM 233 O OP1    . G A 1 8  ? 2.127   9.904   12.750  1.00 0.00 ? 914 G A OP1    1 
ATOM 234 O OP2    . G A 1 8  ? 3.072   7.637   12.022  1.00 0.00 ? 914 G A OP2    1 
ATOM 235 O "O5'"  . G A 1 8  ? 0.725   8.303   11.430  1.00 0.00 ? 914 G A "O5'"  1 
ATOM 236 C "C5'"  . G A 1 8  ? 0.332   6.956   11.724  1.00 0.00 ? 914 G A "C5'"  1 
ATOM 237 C "C4'"  . G A 1 8  ? -1.063  6.629   11.205  1.00 0.00 ? 914 G A "C4'"  1 
ATOM 238 O "O4'"  . G A 1 8  ? -1.108  6.600   9.775   1.00 0.00 ? 914 G A "O4'"  1 
ATOM 239 C "C3'"  . G A 1 8  ? -1.489  5.231   11.622  1.00 0.00 ? 914 G A "C3'"  1 
ATOM 240 O "O3'"  . G A 1 8  ? -2.040  5.241   12.943  1.00 0.00 ? 914 G A "O3'"  1 
ATOM 241 C "C2'"  . G A 1 8  ? -2.520  4.860   10.571  1.00 0.00 ? 914 G A "C2'"  1 
ATOM 242 O "O2'"  . G A 1 8  ? -3.839  5.244   10.970  1.00 0.00 ? 914 G A "O2'"  1 
ATOM 243 C "C1'"  . G A 1 8  ? -2.069  5.628   9.334   1.00 0.00 ? 914 G A "C1'"  1 
ATOM 244 N N9     . G A 1 8  ? -1.482  4.708   8.345   1.00 0.00 ? 914 G A N9     1 
ATOM 245 C C8     . G A 1 8  ? -0.182  4.444   8.079   1.00 0.00 ? 914 G A C8     1 
ATOM 246 N N7     . G A 1 8  ? 0.076   3.571   7.167   1.00 0.00 ? 914 G A N7     1 
ATOM 247 C C5     . G A 1 8  ? -1.203  3.198   6.755   1.00 0.00 ? 914 G A C5     1 
ATOM 248 C C6     . G A 1 8  ? -1.601  2.261   5.765   1.00 0.00 ? 914 G A C6     1 
ATOM 249 O O6     . G A 1 8  ? -0.890  1.579   5.031   1.00 0.00 ? 914 G A O6     1 
ATOM 250 N N1     . G A 1 8  ? -2.983  2.181   5.667   1.00 0.00 ? 914 G A N1     1 
ATOM 251 C C2     . G A 1 8  ? -3.878  2.902   6.433   1.00 0.00 ? 914 G A C2     1 
ATOM 252 N N2     . G A 1 8  ? -5.170  2.665   6.208   1.00 0.00 ? 914 G A N2     1 
ATOM 253 N N3     . G A 1 8  ? -3.512  3.791   7.361   1.00 0.00 ? 914 G A N3     1 
ATOM 254 C C4     . G A 1 8  ? -2.167  3.885   7.476   1.00 0.00 ? 914 G A C4     1 
ATOM 255 H "H5'"  . G A 1 8  ? 0.307   6.817   12.797  1.00 0.00 ? 914 G A "H5'"  1 
ATOM 256 H "H5''" . G A 1 8  ? 1.069   6.272   11.280  1.00 0.00 ? 914 G A "H5''" 1 
ATOM 257 H "H4'"  . G A 1 8  ? -1.777  7.361   11.576  1.00 0.00 ? 914 G A "H4'"  1 
ATOM 258 H "H3'"  . G A 1 8  ? -0.636  4.550   11.562  1.00 0.00 ? 914 G A "H3'"  1 
ATOM 259 H "H2'"  . G A 1 8  ? -2.475  3.786   10.375  1.00 0.00 ? 914 G A "H2'"  1 
ATOM 260 H "HO2'" . G A 1 8  ? -4.214  5.764   10.256  1.00 0.00 ? 914 G A "HO2'" 1 
ATOM 261 H "H1'"  . G A 1 8  ? -2.925  6.138   8.892   1.00 0.00 ? 914 G A "H1'"  1 
ATOM 262 H H8     . G A 1 8  ? 0.620   4.957   8.612   1.00 0.00 ? 914 G A H8     1 
ATOM 263 H H1     . G A 1 8  ? -3.341  1.536   4.979   1.00 0.00 ? 914 G A H1     1 
ATOM 264 H H21    . G A 1 8  ? -5.445  1.993   5.507   1.00 0.00 ? 914 G A H21    1 
ATOM 265 H H22    . G A 1 8  ? -5.874  3.150   6.748   1.00 0.00 ? 914 G A H22    1 
ATOM 266 P P      . G A 1 9  ? -2.015  3.907   13.845  1.00 0.00 ? 915 G A P      1 
ATOM 267 O OP1    . G A 1 9  ? -2.471  4.260   15.207  1.00 0.00 ? 915 G A OP1    1 
ATOM 268 O OP2    . G A 1 9  ? -0.708  3.240   13.653  1.00 0.00 ? 915 G A OP2    1 
ATOM 269 O "O5'"  . G A 1 9  ? -3.149  2.998   13.152  1.00 0.00 ? 915 G A "O5'"  1 
ATOM 270 C "C5'"  . G A 1 9  ? -4.528  3.396   13.195  1.00 0.00 ? 915 G A "C5'"  1 
ATOM 271 C "C4'"  . G A 1 9  ? -5.427  2.459   12.404  1.00 0.00 ? 915 G A "C4'"  1 
ATOM 272 O "O4'"  . G A 1 9  ? -5.132  2.494   11.005  1.00 0.00 ? 915 G A "O4'"  1 
ATOM 273 C "C3'"  . G A 1 9  ? -5.195  1.010   12.794  1.00 0.00 ? 915 G A "C3'"  1 
ATOM 274 O "O3'"  . G A 1 9  ? -5.851  0.689   14.027  1.00 0.00 ? 915 G A "O3'"  1 
ATOM 275 C "C2'"  . G A 1 9  ? -5.780  0.292   11.593  1.00 0.00 ? 915 G A "C2'"  1 
ATOM 276 O "O2'"  . G A 1 9  ? -7.189  0.083   11.743  1.00 0.00 ? 915 G A "O2'"  1 
ATOM 277 C "C1'"  . G A 1 9  ? -5.480  1.227   10.429  1.00 0.00 ? 915 G A "C1'"  1 
ATOM 278 N N9     . G A 1 9  ? -4.383  0.706   9.586   1.00 0.00 ? 915 G A N9     1 
ATOM 279 C C8     . G A 1 9  ? -3.061  1.015   9.590   1.00 0.00 ? 915 G A C8     1 
ATOM 280 N N7     . G A 1 9  ? -2.310  0.441   8.711   1.00 0.00 ? 915 G A N7     1 
ATOM 281 C C5     . G A 1 9  ? -3.226  -0.378  8.043   1.00 0.00 ? 915 G A C5     1 
ATOM 282 C C6     . G A 1 9  ? -3.026  -1.272  6.957   1.00 0.00 ? 915 G A C6     1 
ATOM 283 O O6     . G A 1 9  ? -1.979  -1.537  6.369   1.00 0.00 ? 915 G A O6     1 
ATOM 284 N N1     . G A 1 9  ? -4.208  -1.900  6.590   1.00 0.00 ? 915 G A N1     1 
ATOM 285 C C2     . G A 1 9  ? -5.439  -1.682  7.174   1.00 0.00 ? 915 G A C2     1 
ATOM 286 N N2     . G A 1 9  ? -6.462  -2.370  6.671   1.00 0.00 ? 915 G A N2     1 
ATOM 287 N N3     . G A 1 9  ? -5.638  -0.837  8.190   1.00 0.00 ? 915 G A N3     1 
ATOM 288 C C4     . G A 1 9  ? -4.498  -0.219  8.572   1.00 0.00 ? 915 G A C4     1 
ATOM 289 H "H5'"  . G A 1 9  ? -4.633  4.378   12.756  1.00 0.00 ? 915 G A "H5'"  1 
ATOM 290 H "H5''" . G A 1 9  ? -4.849  3.424   14.247  1.00 0.00 ? 915 G A "H5''" 1 
ATOM 291 H "H4'"  . G A 1 9  ? -6.470  2.725   12.562  1.00 0.00 ? 915 G A "H4'"  1 
ATOM 292 H "H3'"  . G A 1 9  ? -4.120  0.811   12.858  1.00 0.00 ? 915 G A "H3'"  1 
ATOM 293 H "H2'"  . G A 1 9  ? -5.268  -0.656  11.444  1.00 0.00 ? 915 G A "H2'"  1 
ATOM 294 H "HO2'" . G A 1 9  ? -7.625  0.906   11.515  1.00 0.00 ? 915 G A "HO2'" 1 
ATOM 295 H "H1'"  . G A 1 9  ? -6.376  1.342   9.819   1.00 0.00 ? 915 G A "H1'"  1 
ATOM 296 H H8     . G A 1 9  ? -2.648  1.723   10.308  1.00 0.00 ? 915 G A H8     1 
ATOM 297 H H1     . G A 1 9  ? -4.140  -2.559  5.828   1.00 0.00 ? 915 G A H1     1 
ATOM 298 H H21    . G A 1 9  ? -6.312  -3.009  5.904   1.00 0.00 ? 915 G A H21    1 
ATOM 299 H H22    . G A 1 9  ? -7.389  -2.252  7.057   1.00 0.00 ? 915 G A H22    1 
ATOM 300 P P      . U A 1 10 ? -5.372  -0.577  14.900  1.00 0.00 ? 916 U A P      1 
ATOM 301 O OP1    . U A 1 10 ? -6.175  -0.613  16.145  1.00 0.00 ? 916 U A OP1    1 
ATOM 302 O OP2    . U A 1 10 ? -3.894  -0.554  14.979  1.00 0.00 ? 916 U A OP2    1 
ATOM 303 O "O5'"  . U A 1 10 ? -5.808  -1.824  13.978  1.00 0.00 ? 916 U A "O5'"  1 
ATOM 304 C "C5'"  . U A 1 10 ? -7.187  -2.094  13.709  1.00 0.00 ? 916 U A "C5'"  1 
ATOM 305 C "C4'"  . U A 1 10 ? -7.352  -3.220  12.701  1.00 0.00 ? 916 U A "C4'"  1 
ATOM 306 O "O4'"  . U A 1 10 ? -6.919  -2.814  11.401  1.00 0.00 ? 916 U A "O4'"  1 
ATOM 307 C "C3'"  . U A 1 10 ? -6.504  -4.427  13.081  1.00 0.00 ? 916 U A "C3'"  1 
ATOM 308 O "O3'"  . U A 1 10 ? -7.241  -5.222  14.034  1.00 0.00 ? 916 U A "O3'"  1 
ATOM 309 C "C2'"  . U A 1 10 ? -6.315  -5.088  11.724  1.00 0.00 ? 916 U A "C2'"  1 
ATOM 310 O "O2'"  . U A 1 10 ? -7.385  -6.003  11.447  1.00 0.00 ? 916 U A "O2'"  1 
ATOM 311 C "C1'"  . U A 1 10 ? -6.314  -3.931  10.721  1.00 0.00 ? 916 U A "C1'"  1 
ATOM 312 N N1     . U A 1 10 ? -4.928  -3.597  10.276  1.00 0.00 ? 916 U A N1     1 
ATOM 313 C C2     . U A 1 10 ? -4.484  -4.148  9.084   1.00 0.00 ? 916 U A C2     1 
ATOM 314 O O2     . U A 1 10 ? -5.140  -4.960  8.456   1.00 0.00 ? 916 U A O2     1 
ATOM 315 N N3     . U A 1 10 ? -3.242  -3.726  8.647   1.00 0.00 ? 916 U A N3     1 
ATOM 316 C C4     . U A 1 10 ? -2.419  -2.818  9.276   1.00 0.00 ? 916 U A C4     1 
ATOM 317 O O4     . U A 1 10 ? -1.341  -2.499  8.774   1.00 0.00 ? 916 U A O4     1 
ATOM 318 C C5     . U A 1 10 ? -2.951  -2.296  10.511  1.00 0.00 ? 916 U A C5     1 
ATOM 319 C C6     . U A 1 10 ? -4.162  -2.693  10.973  1.00 0.00 ? 916 U A C6     1 
ATOM 320 H "H5'"  . U A 1 10 ? -7.656  -1.195  13.308  1.00 0.00 ? 916 U A "H5'"  1 
ATOM 321 H "H5''" . U A 1 10 ? -7.687  -2.373  14.635  1.00 0.00 ? 916 U A "H5''" 1 
ATOM 322 H "H4'"  . U A 1 10 ? -8.402  -3.517  12.653  1.00 0.00 ? 916 U A "H4'"  1 
ATOM 323 H "H3'"  . U A 1 10 ? -5.542  -4.103  13.491  1.00 0.00 ? 916 U A "H3'"  1 
ATOM 324 H "H2'"  . U A 1 10 ? -5.348  -5.592  11.693  1.00 0.00 ? 916 U A "H2'"  1 
ATOM 325 H "HO2'" . U A 1 10 ? -8.132  -5.488  11.123  1.00 0.00 ? 916 U A "HO2'" 1 
ATOM 326 H "H1'"  . U A 1 10 ? -6.927  -4.187  9.848   1.00 0.00 ? 916 U A "H1'"  1 
ATOM 327 H H3     . U A 1 10 ? -2.905  -4.118  7.766   1.00 0.00 ? 916 U A H3     1 
ATOM 328 H H5     . U A 1 10 ? -2.375  -1.551  11.069  1.00 0.00 ? 916 U A H5     1 
ATOM 329 H H6     . U A 1 10 ? -4.530  -2.287  11.905  1.00 0.00 ? 916 U A H6     1 
ATOM 330 P P      . U A 1 11 ? -6.495  -6.118  15.164  1.00 0.00 ? 917 U A P      1 
ATOM 331 O OP1    . U A 1 11 ? -7.544  -6.720  16.021  1.00 0.00 ? 917 U A OP1    1 
ATOM 332 O OP2    . U A 1 11 ? -5.424  -5.304  15.777  1.00 0.00 ? 917 U A OP2    1 
ATOM 333 O "O5'"  . U A 1 11 ? -5.828  -7.316  14.302  1.00 0.00 ? 917 U A "O5'"  1 
ATOM 334 C "C5'"  . U A 1 11 ? -6.683  -8.157  13.520  1.00 0.00 ? 917 U A "C5'"  1 
ATOM 335 C "C4'"  . U A 1 11 ? -5.939  -9.168  12.654  1.00 0.00 ? 917 U A "C4'"  1 
ATOM 336 O "O4'"  . U A 1 11 ? -5.547  -8.450  11.455  1.00 0.00 ? 917 U A "O4'"  1 
ATOM 337 C "C3'"  . U A 1 11 ? -4.749  -9.817  13.415  1.00 0.00 ? 917 U A "C3'"  1 
ATOM 338 O "O3'"  . U A 1 11 ? -4.529  -11.257 13.333  1.00 0.00 ? 917 U A "O3'"  1 
ATOM 339 C "C2'"  . U A 1 11 ? -3.702  -8.946  12.766  1.00 0.00 ? 917 U A "C2'"  1 
ATOM 340 O "O2'"  . U A 1 11 ? -2.431  -9.558  12.658  1.00 0.00 ? 917 U A "O2'"  1 
ATOM 341 C "C1'"  . U A 1 11 ? -4.133  -8.497  11.404  1.00 0.00 ? 917 U A "C1'"  1 
ATOM 342 N N1     . U A 1 11 ? -3.431  -7.221  11.141  1.00 0.00 ? 917 U A N1     1 
ATOM 343 C C2     . U A 1 11 ? -2.636  -7.174  10.003  1.00 0.00 ? 917 U A C2     1 
ATOM 344 O O2     . U A 1 11 ? -2.704  -8.025  9.118   1.00 0.00 ? 917 U A O2     1 
ATOM 345 N N3     . U A 1 11 ? -1.746  -6.117  9.923   1.00 0.00 ? 917 U A N3     1 
ATOM 346 C C4     . U A 1 11 ? -1.569  -5.111  10.856  1.00 0.00 ? 917 U A C4     1 
ATOM 347 O O4     . U A 1 11 ? -0.666  -4.263  10.720  1.00 0.00 ? 917 U A O4     1 
ATOM 348 C C5     . U A 1 11 ? -2.453  -5.211  11.992  1.00 0.00 ? 917 U A C5     1 
ATOM 349 C C6     . U A 1 11 ? -3.337  -6.232  12.107  1.00 0.00 ? 917 U A C6     1 
ATOM 350 H "H5'"  . U A 1 11 ? -7.255  -7.514  12.855  1.00 0.00 ? 917 U A "H5'"  1 
ATOM 351 H "H5''" . U A 1 11 ? -7.369  -8.681  14.182  1.00 0.00 ? 917 U A "H5''" 1 
ATOM 352 H "H4'"  . U A 1 11 ? -6.639  -9.967  12.379  1.00 0.00 ? 917 U A "H4'"  1 
ATOM 353 H "H3'"  . U A 1 11 ? -4.813  -9.526  14.468  1.00 0.00 ? 917 U A "H3'"  1 
ATOM 354 H "H2'"  . U A 1 11 ? -3.603  -8.069  13.389  1.00 0.00 ? 917 U A "H2'"  1 
ATOM 355 H "HO2'" . U A 1 11 ? -1.801  -8.991  13.109  1.00 0.00 ? 917 U A "HO2'" 1 
ATOM 356 H "H1'"  . U A 1 11 ? -3.836  -9.221  10.659  1.00 0.00 ? 917 U A "H1'"  1 
ATOM 357 H H3     . U A 1 11 ? -1.176  -6.061  9.095   1.00 0.00 ? 917 U A H3     1 
ATOM 358 H H5     . U A 1 11 ? -2.425  -4.435  12.756  1.00 0.00 ? 917 U A H5     1 
ATOM 359 H H6     . U A 1 11 ? -3.989  -6.269  12.977  1.00 0.00 ? 917 U A H6     1 
ATOM 360 P P      . U A 1 12 ? -3.833  -12.087 14.581  1.00 0.00 ? 918 U A P      1 
ATOM 361 O OP1    . U A 1 12 ? -4.231  -13.494 14.512  1.00 0.00 ? 918 U A OP1    1 
ATOM 362 O OP2    . U A 1 12 ? -4.044  -11.308 15.814  1.00 0.00 ? 918 U A OP2    1 
ATOM 363 O "O5'"  . U A 1 12 ? -2.231  -12.062 14.270  1.00 0.00 ? 918 U A "O5'"  1 
ATOM 364 C "C5'"  . U A 1 12 ? -1.866  -11.674 12.969  1.00 0.00 ? 918 U A "C5'"  1 
ATOM 365 C "C4'"  . U A 1 12 ? -0.828  -12.522 12.238  1.00 0.00 ? 918 U A "C4'"  1 
ATOM 366 O "O4'"  . U A 1 12 ? -1.497  -13.337 11.262  1.00 0.00 ? 918 U A "O4'"  1 
ATOM 367 C "C3'"  . U A 1 12 ? 0.089   -11.617 11.414  1.00 0.00 ? 918 U A "C3'"  1 
ATOM 368 O "O3'"  . U A 1 12 ? 1.275   -12.498 11.510  1.00 0.00 ? 918 U A "O3'"  1 
ATOM 369 C "C2'"  . U A 1 12 ? -0.847  -11.333 10.217  1.00 0.00 ? 918 U A "C2'"  1 
ATOM 370 O "O2'"  . U A 1 12 ? -0.046  -11.035 9.087   1.00 0.00 ? 918 U A "O2'"  1 
ATOM 371 C "C1'"  . U A 1 12 ? -1.728  -12.606 10.043  1.00 0.00 ? 918 U A "C1'"  1 
ATOM 372 N N1     . U A 1 12 ? -3.176  -12.348 9.785   1.00 0.00 ? 918 U A N1     1 
ATOM 373 C C2     . U A 1 12 ? -3.822  -13.157 8.843   1.00 0.00 ? 918 U A C2     1 
ATOM 374 O O2     . U A 1 12 ? -3.189  -13.953 8.164   1.00 0.00 ? 918 U A O2     1 
ATOM 375 N N3     . U A 1 12 ? -5.186  -12.957 8.690   1.00 0.00 ? 918 U A N3     1 
ATOM 376 C C4     . U A 1 12 ? -5.937  -12.019 9.398   1.00 0.00 ? 918 U A C4     1 
ATOM 377 O O4     . U A 1 12 ? -7.147  -11.914 9.222   1.00 0.00 ? 918 U A O4     1 
ATOM 378 C C5     . U A 1 12 ? -5.161  -11.224 10.322  1.00 0.00 ? 918 U A C5     1 
ATOM 379 C C6     . U A 1 12 ? -3.827  -11.423 10.474  1.00 0.00 ? 918 U A C6     1 
ATOM 380 H "H5'"  . U A 1 12 ? -1.494  -10.652 13.015  1.00 0.00 ? 918 U A "H5'"  1 
ATOM 381 H "H5''" . U A 1 12 ? -2.783  -11.691 12.386  1.00 0.00 ? 918 U A "H5''" 1 
ATOM 382 H "H4'"  . U A 1 12 ? -0.248  -13.132 12.931  1.00 0.00 ? 918 U A "H4'"  1 
ATOM 383 H "H3'"  . U A 1 12 ? 0.246   -10.668 11.959  1.00 0.00 ? 918 U A "H3'"  1 
ATOM 384 H "H2'"  . U A 1 12 ? -1.468  -10.489 10.444  1.00 0.00 ? 918 U A "H2'"  1 
ATOM 385 H "HO2'" . U A 1 12 ? -0.614  -11.031 8.328   1.00 0.00 ? 918 U A "HO2'" 1 
ATOM 386 H "H1'"  . U A 1 12 ? -1.344  -13.175 9.220   1.00 0.00 ? 918 U A "H1'"  1 
ATOM 387 H H3     . U A 1 12 ? -5.676  -13.518 8.007   1.00 0.00 ? 918 U A H3     1 
ATOM 388 H H5     . U A 1 12 ? -5.647  -10.420 10.895  1.00 0.00 ? 918 U A H5     1 
ATOM 389 H H6     . U A 1 12 ? -3.250  -10.773 11.114  1.00 0.00 ? 918 U A H6     1 
ATOM 390 P P      . G A 1 13 ? 2.803   -12.183 11.002  1.00 0.00 ? 919 G A P      1 
ATOM 391 O OP1    . G A 1 13 ? 3.665   -13.168 11.709  1.00 0.00 ? 919 G A OP1    1 
ATOM 392 O OP2    . G A 1 13 ? 3.106   -10.725 11.132  1.00 0.00 ? 919 G A OP2    1 
ATOM 393 O "O5'"  . G A 1 13 ? 2.840   -12.623 9.433   1.00 0.00 ? 919 G A "O5'"  1 
ATOM 394 C "C5'"  . G A 1 13 ? 2.771   -11.658 8.378   1.00 0.00 ? 919 G A "C5'"  1 
ATOM 395 C "C4'"  . G A 1 13 ? 2.941   -12.262 6.939   1.00 0.00 ? 919 G A "C4'"  1 
ATOM 396 O "O4'"  . G A 1 13 ? 3.079   -13.682 6.901   1.00 0.00 ? 919 G A "O4'"  1 
ATOM 397 C "C3'"  . G A 1 13 ? 1.700   -12.078 6.025   1.00 0.00 ? 919 G A "C3'"  1 
ATOM 398 O "O3'"  . G A 1 13 ? 1.594   -12.460 4.644   1.00 0.00 ? 919 G A "O3'"  1 
ATOM 399 C "C2'"  . G A 1 13 ? 0.760   -13.159 6.477   1.00 0.00 ? 919 G A "C2'"  1 
ATOM 400 O "O2'"  . G A 1 13 ? -0.042  -13.692 5.388   1.00 0.00 ? 919 G A "O2'"  1 
ATOM 401 C "C1'"  . G A 1 13 ? 1.752   -14.210 7.029   1.00 0.00 ? 919 G A "C1'"  1 
ATOM 402 N N9     . G A 1 13 ? 1.453   -14.480 8.437   1.00 0.00 ? 919 G A N9     1 
ATOM 403 C C8     . G A 1 13 ? 0.615   -13.796 9.192   1.00 0.00 ? 919 G A C8     1 
ATOM 404 N N7     . G A 1 13 ? 0.389   -14.214 10.364  1.00 0.00 ? 919 G A N7     1 
ATOM 405 C C5     . G A 1 13 ? 1.179   -15.309 10.481  1.00 0.00 ? 919 G A C5     1 
ATOM 406 C C6     . G A 1 13 ? 1.335   -16.145 11.601  1.00 0.00 ? 919 G A C6     1 
ATOM 407 O O6     . G A 1 13 ? 0.820   -16.040 12.709  1.00 0.00 ? 919 G A O6     1 
ATOM 408 N N1     . G A 1 13 ? 2.225   -17.142 11.351  1.00 0.00 ? 919 G A N1     1 
ATOM 409 C C2     . G A 1 13 ? 2.896   -17.330 10.170  1.00 0.00 ? 919 G A C2     1 
ATOM 410 N N2     . G A 1 13 ? 3.706   -18.386 10.206  1.00 0.00 ? 919 G A N2     1 
ATOM 411 N N3     . G A 1 13 ? 2.765   -16.530 9.070   1.00 0.00 ? 919 G A N3     1 
ATOM 412 C C4     . G A 1 13 ? 1.875   -15.527 9.302   1.00 0.00 ? 919 G A C4     1 
ATOM 413 H "H5'"  . G A 1 13 ? 3.568   -10.940 8.516   1.00 0.00 ? 919 G A "H5'"  1 
ATOM 414 H "H5''" . G A 1 13 ? 1.806   -11.133 8.463   1.00 0.00 ? 919 G A "H5''" 1 
ATOM 415 H "H4'"  . G A 1 13 ? 3.799   -11.821 6.470   1.00 0.00 ? 919 G A "H4'"  1 
ATOM 416 H "H3'"  . G A 1 13 ? 1.252   -11.096 6.181   1.00 0.00 ? 919 G A "H3'"  1 
ATOM 417 H "H2'"  . G A 1 13 ? 0.123   -12.744 7.278   1.00 0.00 ? 919 G A "H2'"  1 
ATOM 418 H "HO2'" . G A 1 13 ? 0.119   -14.639 5.344   1.00 0.00 ? 919 G A "HO2'" 1 
ATOM 419 H "H1'"  . G A 1 13 ? 1.638   -15.116 6.449   1.00 0.00 ? 919 G A "H1'"  1 
ATOM 420 H H8     . G A 1 13 ? 0.233   -12.825 8.871   1.00 0.00 ? 919 G A H8     1 
ATOM 421 H H1     . G A 1 13 ? 2.353   -17.804 12.100  1.00 0.00 ? 919 G A H1     1 
ATOM 422 H H21    . G A 1 13 ? 3.770   -18.933 11.062  1.00 0.00 ? 919 G A H21    1 
ATOM 423 H H22    . G A 1 13 ? 4.242   -18.653 9.402   1.00 0.00 ? 919 G A H22    1 
ATOM 424 P P      . U A 1 14 ? 2.884   -12.636 3.743   1.00 0.00 ? 920 U A P      1 
ATOM 425 O OP1    . U A 1 14 ? 2.550   -12.307 2.350   1.00 0.00 ? 920 U A OP1    1 
ATOM 426 O OP2    . U A 1 14 ? 3.505   -13.940 4.058   1.00 0.00 ? 920 U A OP2    1 
ATOM 427 O "O5'"  . U A 1 14 ? 3.801   -11.482 4.363   1.00 0.00 ? 920 U A "O5'"  1 
ATOM 428 C "C5'"  . U A 1 14 ? 3.278   -10.197 4.738   1.00 0.00 ? 920 U A "C5'"  1 
ATOM 429 C "C4'"  . U A 1 14 ? 4.276   -9.156  4.332   1.00 0.00 ? 920 U A "C4'"  1 
ATOM 430 O "O4'"  . U A 1 14 ? 5.388   -9.172  5.243   1.00 0.00 ? 920 U A "O4'"  1 
ATOM 431 C "C3'"  . U A 1 14 ? 4.742   -9.543  2.956   1.00 0.00 ? 920 U A "C3'"  1 
ATOM 432 O "O3'"  . U A 1 14 ? 4.669   -8.412  2.082   1.00 0.00 ? 920 U A "O3'"  1 
ATOM 433 C "C2'"  . U A 1 14 ? 6.039   -10.287 3.270   1.00 0.00 ? 920 U A "C2'"  1 
ATOM 434 O "O2'"  . U A 1 14 ? 7.067   -9.909  2.354   1.00 0.00 ? 920 U A "O2'"  1 
ATOM 435 C "C1'"  . U A 1 14 ? 6.448   -9.984  4.727   1.00 0.00 ? 920 U A "C1'"  1 
ATOM 436 N N1     . U A 1 14 ? 6.648   -11.234 5.552   1.00 0.00 ? 920 U A N1     1 
ATOM 437 C C2     . U A 1 14 ? 7.650   -11.216 6.515   1.00 0.00 ? 920 U A C2     1 
ATOM 438 O O2     . U A 1 14 ? 8.360   -10.231 6.709   1.00 0.00 ? 920 U A O2     1 
ATOM 439 N N3     . U A 1 14 ? 7.810   -12.380 7.256   1.00 0.00 ? 920 U A N3     1 
ATOM 440 C C4     . U A 1 14 ? 7.077   -13.548 7.126   1.00 0.00 ? 920 U A C4     1 
ATOM 441 O O4     . U A 1 14 ? 7.303   -14.522 7.850   1.00 0.00 ? 920 U A O4     1 
ATOM 442 C C5     . U A 1 14 ? 6.060   -13.483 6.106   1.00 0.00 ? 920 U A C5     1 
ATOM 443 C C6     . U A 1 14 ? 5.880   -12.359 5.367   1.00 0.00 ? 920 U A C6     1 
ATOM 444 H "H5'"  . U A 1 14 ? 3.132   -10.153 5.815   1.00 0.00 ? 920 U A "H5'"  1 
ATOM 445 H "H5''" . U A 1 14 ? 2.328   -10.017 4.234   1.00 0.00 ? 920 U A "H5''" 1 
ATOM 446 H "H4'"  . U A 1 14 ? 3.817   -8.166  4.320   1.00 0.00 ? 920 U A "H4'"  1 
ATOM 447 H "H3'"  . U A 1 14 ? 4.039   -10.299 2.590   1.00 0.00 ? 920 U A "H3'"  1 
ATOM 448 H "H2'"  . U A 1 14 ? 5.843   -11.358 3.172   1.00 0.00 ? 920 U A "H2'"  1 
ATOM 449 H "HO2'" . U A 1 14 ? 7.681   -9.349  2.829   1.00 0.00 ? 920 U A "HO2'" 1 
ATOM 450 H "H1'"  . U A 1 14 ? 7.373   -9.403  4.724   1.00 0.00 ? 920 U A "H1'"  1 
ATOM 451 H H3     . U A 1 14 ? 8.530   -12.375 7.959   1.00 0.00 ? 920 U A H3     1 
ATOM 452 H H5     . U A 1 14 ? 5.422   -14.347 5.925   1.00 0.00 ? 920 U A H5     1 
ATOM 453 H H6     . U A 1 14 ? 5.101   -12.349 4.611   1.00 0.00 ? 920 U A H6     1 
ATOM 454 P P      . A A 1 15 ? 3.831   -8.576  0.705   1.00 0.00 ? 921 A A P      1 
ATOM 455 O OP1    . A A 1 15 ? 4.372   -9.759  -0.005  1.00 0.00 ? 921 A A OP1    1 
ATOM 456 O OP2    . A A 1 15 ? 3.779   -7.265  0.018   1.00 0.00 ? 921 A A OP2    1 
ATOM 457 O "O5'"  . A A 1 15 ? 2.334   -8.943  1.212   1.00 0.00 ? 921 A A "O5'"  1 
ATOM 458 C "C5'"  . A A 1 15 ? 1.834   -10.285 1.090   1.00 0.00 ? 921 A A "C5'"  1 
ATOM 459 C "C4'"  . A A 1 15 ? 0.517   -10.502 1.845   1.00 0.00 ? 921 A A "C4'"  1 
ATOM 460 O "O4'"  . A A 1 15 ? 0.687   -10.415 3.262   1.00 0.00 ? 921 A A "O4'"  1 
ATOM 461 C "C3'"  . A A 1 15 ? -0.489  -9.414  1.531   1.00 0.00 ? 921 A A "C3'"  1 
ATOM 462 O "O3'"  . A A 1 15 ? -1.163  -9.718  0.311   1.00 0.00 ? 921 A A "O3'"  1 
ATOM 463 C "C2'"  . A A 1 15 ? -1.398  -9.422  2.744   1.00 0.00 ? 921 A A "C2'"  1 
ATOM 464 O "O2'"  . A A 1 15 ? -2.420  -10.424 2.638   1.00 0.00 ? 921 A A "O2'"  1 
ATOM 465 C "C1'"  . A A 1 15 ? -0.420  -9.729  3.866   1.00 0.00 ? 921 A A "C1'"  1 
ATOM 466 N N9     . A A 1 15 ? 0.025   -8.488  4.523   1.00 0.00 ? 921 A A N9     1 
ATOM 467 C C8     . A A 1 15 ? 1.209   -7.837  4.433   1.00 0.00 ? 921 A A C8     1 
ATOM 468 N N7     . A A 1 15 ? 1.362   -6.772  5.143   1.00 0.00 ? 921 A A N7     1 
ATOM 469 C C5     . A A 1 15 ? 0.126   -6.689  5.790   1.00 0.00 ? 921 A A C5     1 
ATOM 470 C C6     . A A 1 15 ? -0.403  -5.777  6.705   1.00 0.00 ? 921 A A C6     1 
ATOM 471 N N6     . A A 1 15 ? 0.286   -4.740  7.184   1.00 0.00 ? 921 A A N6     1 
ATOM 472 N N1     . A A 1 15 ? -1.659  -5.990  7.133   1.00 0.00 ? 921 A A N1     1 
ATOM 473 C C2     . A A 1 15 ? -2.354  -7.040  6.690   1.00 0.00 ? 921 A A C2     1 
ATOM 474 N N3     . A A 1 15 ? -1.950  -7.965  5.829   1.00 0.00 ? 921 A A N3     1 
ATOM 475 C C4     . A A 1 15 ? -0.693  -7.728  5.414   1.00 0.00 ? 921 A A C4     1 
ATOM 476 H "H5'"  . A A 1 15 ? 2.579   -10.972 1.493   1.00 0.00 ? 921 A A "H5'"  1 
ATOM 477 H "H5''" . A A 1 15 ? 1.681   -10.516 0.034   1.00 0.00 ? 921 A A "H5''" 1 
ATOM 478 H "H4'"  . A A 1 15 ? 0.100   -11.477 1.592   1.00 0.00 ? 921 A A "H4'"  1 
ATOM 479 H "H3'"  . A A 1 15 ? 0.022   -8.452  1.460   1.00 0.00 ? 921 A A "H3'"  1 
ATOM 480 H "H2'"  . A A 1 15 ? -1.836  -8.432  2.890   1.00 0.00 ? 921 A A "H2'"  1 
ATOM 481 H "HO2'" . A A 1 15 ? -2.102  -11.207 3.093   1.00 0.00 ? 921 A A "HO2'" 1 
ATOM 482 H "H1'"  . A A 1 15 ? -0.898  -10.379 4.602   1.00 0.00 ? 921 A A "H1'"  1 
ATOM 483 H H8     . A A 1 15 ? 1.991   -8.184  3.760   1.00 0.00 ? 921 A A H8     1 
ATOM 484 H H61    . A A 1 15 ? -0.145  -4.109  7.844   1.00 0.00 ? 921 A A H61    1 
ATOM 485 H H62    . A A 1 15 ? 1.241   -4.590  6.890   1.00 0.00 ? 921 A A H62    1 
ATOM 486 H H2     . A A 1 15 ? -3.366  -7.153  7.079   1.00 0.00 ? 921 A A H2     1 
ATOM 487 P P      . U A 1 16 ? -1.617  -8.525  -0.660  1.00 0.00 ? 922 U A P      1 
ATOM 488 O OP1    . U A 1 16 ? -2.216  -9.118  -1.876  1.00 0.00 ? 922 U A OP1    1 
ATOM 489 O OP2    . U A 1 16 ? -0.491  -7.573  -0.776  1.00 0.00 ? 922 U A OP2    1 
ATOM 490 O "O5'"  . U A 1 16 ? -2.788  -7.824  0.193   1.00 0.00 ? 922 U A "O5'"  1 
ATOM 491 C "C5'"  . U A 1 16 ? -4.002  -8.526  0.469   1.00 0.00 ? 922 U A "C5'"  1 
ATOM 492 C "C4'"  . U A 1 16 ? -4.866  -7.785  1.485   1.00 0.00 ? 922 U A "C4'"  1 
ATOM 493 O "O4'"  . U A 1 16 ? -4.215  -7.680  2.757   1.00 0.00 ? 922 U A "O4'"  1 
ATOM 494 C "C3'"  . U A 1 16 ? -5.112  -6.348  1.054   1.00 0.00 ? 922 U A "C3'"  1 
ATOM 495 O "O3'"  . U A 1 16 ? -6.187  -6.251  0.112   1.00 0.00 ? 922 U A "O3'"  1 
ATOM 496 C "C2'"  . U A 1 16 ? -5.436  -5.695  2.383   1.00 0.00 ? 922 U A "C2'"  1 
ATOM 497 O "O2'"  . U A 1 16 ? -6.802  -5.915  2.756   1.00 0.00 ? 922 U A "O2'"  1 
ATOM 498 C "C1'"  . U A 1 16 ? -4.480  -6.394  3.340   1.00 0.00 ? 922 U A "C1'"  1 
ATOM 499 N N1     . U A 1 16 ? -3.235  -5.611  3.508   1.00 0.00 ? 922 U A N1     1 
ATOM 500 C C2     . U A 1 16 ? -3.220  -4.632  4.488   1.00 0.00 ? 922 U A C2     1 
ATOM 501 O O2     . U A 1 16 ? -4.191  -4.408  5.209   1.00 0.00 ? 922 U A O2     1 
ATOM 502 N N3     . U A 1 16 ? -2.044  -3.914  4.610   1.00 0.00 ? 922 U A N3     1 
ATOM 503 C C4     . U A 1 16 ? -0.900  -4.084  3.853   1.00 0.00 ? 922 U A C4     1 
ATOM 504 O O4     . U A 1 16 ? 0.092   -3.386  4.050   1.00 0.00 ? 922 U A O4     1 
ATOM 505 C C5     . U A 1 16 ? -1.003  -5.125  2.855   1.00 0.00 ? 922 U A C5     1 
ATOM 506 C C6     . U A 1 16 ? -2.142  -5.843  2.714   1.00 0.00 ? 922 U A C6     1 
ATOM 507 H "H5'"  . U A 1 16 ? -3.763  -9.515  0.861   1.00 0.00 ? 922 U A "H5'"  1 
ATOM 508 H "H5''" . U A 1 16 ? -4.563  -8.638  -0.459  1.00 0.00 ? 922 U A "H5''" 1 
ATOM 509 H "H4'"  . U A 1 16 ? -5.816  -8.301  1.606   1.00 0.00 ? 922 U A "H4'"  1 
ATOM 510 H "H3'"  . U A 1 16 ? -4.192  -5.920  0.644   1.00 0.00 ? 922 U A "H3'"  1 
ATOM 511 H "H2'"  . U A 1 16 ? -5.212  -4.627  2.341   1.00 0.00 ? 922 U A "H2'"  1 
ATOM 512 H "HO2'" . U A 1 16 ? -6.827  -6.711  3.292   1.00 0.00 ? 922 U A "HO2'" 1 
ATOM 513 H "H1'"  . U A 1 16 ? -4.964  -6.524  4.308   1.00 0.00 ? 922 U A "H1'"  1 
ATOM 514 H H3     . U A 1 16 ? -2.019  -3.196  5.320   1.00 0.00 ? 922 U A H3     1 
ATOM 515 H H5     . U A 1 16 ? -0.151  -5.336  2.210   1.00 0.00 ? 922 U A H5     1 
ATOM 516 H H6     . U A 1 16 ? -2.192  -6.619  1.952   1.00 0.00 ? 922 U A H6     1 
ATOM 517 P P      . C A 1 17 ? -6.329  -4.954  -0.833  1.00 0.00 ? 923 C A P      1 
ATOM 518 O OP1    . C A 1 17 ? -7.471  -5.171  -1.748  1.00 0.00 ? 923 C A OP1    1 
ATOM 519 O OP2    . C A 1 17 ? -4.993  -4.631  -1.384  1.00 0.00 ? 923 C A OP2    1 
ATOM 520 O "O5'"  . C A 1 17 ? -6.732  -3.800  0.215   1.00 0.00 ? 923 C A "O5'"  1 
ATOM 521 C "C5'"  . C A 1 17 ? -7.963  -3.879  0.941   1.00 0.00 ? 923 C A "C5'"  1 
ATOM 522 C "C4'"  . C A 1 17 ? -8.032  -2.832  2.049   1.00 0.00 ? 923 C A "C4'"  1 
ATOM 523 O "O4'"  . C A 1 17 ? -6.939  -2.950  2.965   1.00 0.00 ? 923 C A "O4'"  1 
ATOM 524 C "C3'"  . C A 1 17 ? -7.899  -1.425  1.494   1.00 0.00 ? 923 C A "C3'"  1 
ATOM 525 O "O3'"  . C A 1 17 ? -9.114  -0.947  0.908   1.00 0.00 ? 923 C A "O3'"  1 
ATOM 526 C "C2'"  . C A 1 17 ? -7.528  -0.663  2.751   1.00 0.00 ? 923 C A "C2'"  1 
ATOM 527 O "O2'"  . C A 1 17 ? -8.685  -0.347  3.535   1.00 0.00 ? 923 C A "O2'"  1 
ATOM 528 C "C1'"  . C A 1 17 ? -6.616  -1.646  3.474   1.00 0.00 ? 923 C A "C1'"  1 
ATOM 529 N N1     . C A 1 17 ? -5.193  -1.311  3.243   1.00 0.00 ? 923 C A N1     1 
ATOM 530 C C2     . C A 1 17 ? -4.606  -0.388  4.097   1.00 0.00 ? 923 C A C2     1 
ATOM 531 O O2     . C A 1 17 ? -5.263  0.127   5.000   1.00 0.00 ? 923 C A O2     1 
ATOM 532 N N3     . C A 1 17 ? -3.299  -0.067  3.900   1.00 0.00 ? 923 C A N3     1 
ATOM 533 C C4     . C A 1 17 ? -2.594  -0.624  2.909   1.00 0.00 ? 923 C A C4     1 
ATOM 534 N N4     . C A 1 17 ? -1.316  -0.281  2.746   1.00 0.00 ? 923 C A N4     1 
ATOM 535 C C5     . C A 1 17 ? -3.192  -1.574  2.023   1.00 0.00 ? 923 C A C5     1 
ATOM 536 C C6     . C A 1 17 ? -4.487  -1.888  2.226   1.00 0.00 ? 923 C A C6     1 
ATOM 537 H "H5'"  . C A 1 17 ? -8.052  -4.871  1.385   1.00 0.00 ? 923 C A "H5'"  1 
ATOM 538 H "H5''" . C A 1 17 ? -8.792  -3.722  0.251   1.00 0.00 ? 923 C A "H5''" 1 
ATOM 539 H "H4'"  . C A 1 17 ? -8.971  -2.930  2.592   1.00 0.00 ? 923 C A "H4'"  1 
ATOM 540 H "H3'"  . C A 1 17 ? -7.072  -1.384  0.778   1.00 0.00 ? 923 C A "H3'"  1 
ATOM 541 H "H2'"  . C A 1 17 ? -6.974  0.243   2.491   1.00 0.00 ? 923 C A "H2'"  1 
ATOM 542 H "HO2'" . C A 1 17 ? -8.516  -0.655  4.430   1.00 0.00 ? 923 C A "HO2'" 1 
ATOM 543 H "H1'"  . C A 1 17 ? -6.828  -1.613  4.542   1.00 0.00 ? 923 C A "H1'"  1 
ATOM 544 H H41    . C A 1 17 ? -0.889  0.388   3.370   1.00 0.00 ? 923 C A H41    1 
ATOM 545 H H42    . C A 1 17 ? -0.774  -0.693  1.999   1.00 0.00 ? 923 C A H42    1 
ATOM 546 H H5     . C A 1 17 ? -2.622  -2.026  1.212   1.00 0.00 ? 923 C A H5     1 
ATOM 547 H H6     . C A 1 17 ? -4.977  -2.606  1.567   1.00 0.00 ? 923 C A H6     1 
ATOM 548 P P      . C A 1 18 ? -9.078  0.216   -0.204  1.00 0.00 ? 924 C A P      1 
ATOM 549 O OP1    . C A 1 18 ? -10.465 0.679   -0.432  1.00 0.00 ? 924 C A OP1    1 
ATOM 550 O OP2    . C A 1 18 ? -8.261  -0.257  -1.344  1.00 0.00 ? 924 C A OP2    1 
ATOM 551 O "O5'"  . C A 1 18 ? -8.264  1.390   0.545   1.00 0.00 ? 924 C A "O5'"  1 
ATOM 552 C "C5'"  . C A 1 18 ? -8.954  2.513   1.099   1.00 0.00 ? 924 C A "C5'"  1 
ATOM 553 C "C4'"  . C A 1 18 ? -8.020  3.422   1.897   1.00 0.00 ? 924 C A "C4'"  1 
ATOM 554 O "O4'"  . C A 1 18 ? -6.907  2.709   2.447   1.00 0.00 ? 924 C A "O4'"  1 
ATOM 555 C "C3'"  . C A 1 18 ? -7.383  4.477   1.010   1.00 0.00 ? 924 C A "C3'"  1 
ATOM 556 O "O3'"  . C A 1 18 ? -8.320  5.524   0.728   1.00 0.00 ? 924 C A "O3'"  1 
ATOM 557 C "C2'"  . C A 1 18 ? -6.214  4.898   1.879   1.00 0.00 ? 924 C A "C2'"  1 
ATOM 558 O "O2'"  . C A 1 18 ? -6.617  5.850   2.872   1.00 0.00 ? 924 C A "O2'"  1 
ATOM 559 C "C1'"  . C A 1 18 ? -5.769  3.586   2.515   1.00 0.00 ? 924 C A "C1'"  1 
ATOM 560 N N1     . C A 1 18 ? -4.604  3.017   1.797   1.00 0.00 ? 924 C A N1     1 
ATOM 561 C C2     . C A 1 18 ? -3.347  3.527   2.101   1.00 0.00 ? 924 C A C2     1 
ATOM 562 O O2     . C A 1 18 ? -3.224  4.412   2.947   1.00 0.00 ? 924 C A O2     1 
ATOM 563 N N3     . C A 1 18 ? -2.270  3.021   1.441   1.00 0.00 ? 924 C A N3     1 
ATOM 564 C C4     . C A 1 18 ? -2.413  2.058   0.522   1.00 0.00 ? 924 C A C4     1 
ATOM 565 N N4     . C A 1 18 ? -1.337  1.592   -0.110  1.00 0.00 ? 924 C A N4     1 
ATOM 566 C C5     . C A 1 18 ? -3.704  1.529   0.205   1.00 0.00 ? 924 C A C5     1 
ATOM 567 C C6     . C A 1 18 ? -4.765  2.033   0.863   1.00 0.00 ? 924 C A C6     1 
ATOM 568 H "H5'"  . C A 1 18 ? -9.745  2.154   1.757   1.00 0.00 ? 924 C A "H5'"  1 
ATOM 569 H "H5''" . C A 1 18 ? -9.401  3.088   0.288   1.00 0.00 ? 924 C A "H5''" 1 
ATOM 570 H "H4'"  . C A 1 18 ? -8.574  3.902   2.702   1.00 0.00 ? 924 C A "H4'"  1 
ATOM 571 H "H3'"  . C A 1 18 ? -7.015  4.016   0.087   1.00 0.00 ? 924 C A "H3'"  1 
ATOM 572 H "H2'"  . C A 1 18 ? -5.412  5.304   1.258   1.00 0.00 ? 924 C A "H2'"  1 
ATOM 573 H "HO2'" . C A 1 18 ? -6.896  5.355   3.645   1.00 0.00 ? 924 C A "HO2'" 1 
ATOM 574 H "H1'"  . C A 1 18 ? -5.507  3.758   3.559   1.00 0.00 ? 924 C A "H1'"  1 
ATOM 575 H H41    . C A 1 18 ? -0.423  1.964   0.108   1.00 0.00 ? 924 C A H41    1 
ATOM 576 H H42    . C A 1 18 ? -1.435  0.869   -0.808  1.00 0.00 ? 924 C A H42    1 
ATOM 577 H H5     . C A 1 18 ? -3.824  0.746   -0.543  1.00 0.00 ? 924 C A H5     1 
ATOM 578 H H6     . C A 1 18 ? -5.764  1.653   0.645   1.00 0.00 ? 924 C A H6     1 
ATOM 579 P P      . U A 1 19 ? -8.230  6.354   -0.649  1.00 0.00 ? 925 U A P      1 
ATOM 580 O OP1    . U A 1 19 ? -9.392  7.268   -0.715  1.00 0.00 ? 925 U A OP1    1 
ATOM 581 O OP2    . U A 1 19 ? -7.978  5.400   -1.753  1.00 0.00 ? 925 U A OP2    1 
ATOM 582 O "O5'"  . U A 1 19 ? -6.902  7.239   -0.434  1.00 0.00 ? 925 U A "O5'"  1 
ATOM 583 C "C5'"  . U A 1 19 ? -6.844  8.215   0.610   1.00 0.00 ? 925 U A "C5'"  1 
ATOM 584 C "C4'"  . U A 1 19 ? -5.417  8.698   0.850   1.00 0.00 ? 925 U A "C4'"  1 
ATOM 585 O "O4'"  . U A 1 19 ? -4.561  7.636   1.285   1.00 0.00 ? 925 U A "O4'"  1 
ATOM 586 C "C3'"  . U A 1 19 ? -4.775  9.193   -0.435  1.00 0.00 ? 925 U A "C3'"  1 
ATOM 587 O "O3'"  . U A 1 19 ? -5.180  10.525  -0.768  1.00 0.00 ? 925 U A "O3'"  1 
ATOM 588 C "C2'"  . U A 1 19 ? -3.303  9.114   -0.077  1.00 0.00 ? 925 U A "C2'"  1 
ATOM 589 O "O2'"  . U A 1 19 ? -2.872  10.278  0.636   1.00 0.00 ? 925 U A "O2'"  1 
ATOM 590 C "C1'"  . U A 1 19 ? -3.230  7.869   0.797   1.00 0.00 ? 925 U A "C1'"  1 
ATOM 591 N N1     . U A 1 19 ? -2.728  6.713   0.021   1.00 0.00 ? 925 U A N1     1 
ATOM 592 C C2     . U A 1 19 ? -1.356  6.567   -0.091  1.00 0.00 ? 925 U A C2     1 
ATOM 593 O O2     . U A 1 19 ? -0.568  7.368   0.409   1.00 0.00 ? 925 U A O2     1 
ATOM 594 N N3     . U A 1 19 ? -0.917  5.478   -0.819  1.00 0.00 ? 925 U A N3     1 
ATOM 595 C C4     . U A 1 19 ? -1.717  4.534   -1.438  1.00 0.00 ? 925 U A C4     1 
ATOM 596 O O4     . U A 1 19 ? -1.216  3.605   -2.065  1.00 0.00 ? 925 U A O4     1 
ATOM 597 C C5     . U A 1 19 ? -3.134  4.763   -1.274  1.00 0.00 ? 925 U A C5     1 
ATOM 598 C C6     . U A 1 19 ? -3.590  5.823   -0.563  1.00 0.00 ? 925 U A C6     1 
ATOM 599 H "H5'"  . U A 1 19 ? -7.230  7.775   1.531   1.00 0.00 ? 925 U A "H5'"  1 
ATOM 600 H "H5''" . U A 1 19 ? -7.466  9.067   0.336   1.00 0.00 ? 925 U A "H5''" 1 
ATOM 601 H "H4'"  . U A 1 19 ? -5.415  9.492   1.595   1.00 0.00 ? 925 U A "H4'"  1 
ATOM 602 H "H3'"  . U A 1 19 ? -4.996  8.500   -1.252  1.00 0.00 ? 925 U A "H3'"  1 
ATOM 603 H "H2'"  . U A 1 19 ? -2.707  8.970   -0.981  1.00 0.00 ? 925 U A "H2'"  1 
ATOM 604 H "HO2'" . U A 1 19 ? -2.928  10.076  1.572   1.00 0.00 ? 925 U A "HO2'" 1 
ATOM 605 H "H1'"  . U A 1 19 ? -2.564  8.056   1.640   1.00 0.00 ? 925 U A "H1'"  1 
ATOM 606 H H3     . U A 1 19 ? 0.080   5.356   -0.903  1.00 0.00 ? 925 U A H3     1 
ATOM 607 H H5     . U A 1 19 ? -3.846  4.074   -1.727  1.00 0.00 ? 925 U A H5     1 
ATOM 608 H H6     . U A 1 19 ? -4.664  5.975   -0.462  1.00 0.00 ? 925 U A H6     1 
ATOM 609 P P      . U A 1 20 ? -5.135  11.034  -2.295  1.00 0.00 ? 926 U A P      1 
ATOM 610 O OP1    . U A 1 20 ? -5.642  12.423  -2.337  1.00 0.00 ? 926 U A OP1    1 
ATOM 611 O OP2    . U A 1 20 ? -5.757  9.995   -3.147  1.00 0.00 ? 926 U A OP2    1 
ATOM 612 O "O5'"  . U A 1 20 ? -3.554  11.062  -2.608  1.00 0.00 ? 926 U A "O5'"  1 
ATOM 613 C "C5'"  . U A 1 20 ? -2.699  11.990  -1.933  1.00 0.00 ? 926 U A "C5'"  1 
ATOM 614 C "C4'"  . U A 1 20 ? -1.227  11.745  -2.256  1.00 0.00 ? 926 U A "C4'"  1 
ATOM 615 O "O4'"  . U A 1 20 ? -0.813  10.432  -1.871  1.00 0.00 ? 926 U A "O4'"  1 
ATOM 616 C "C3'"  . U A 1 20 ? -0.967  11.824  -3.751  1.00 0.00 ? 926 U A "C3'"  1 
ATOM 617 O "O3'"  . U A 1 20 ? -0.774  13.201  -4.093  1.00 0.00 ? 926 U A "O3'"  1 
ATOM 618 C "C2'"  . U A 1 20 ? 0.266   10.953  -3.922  1.00 0.00 ? 926 U A "C2'"  1 
ATOM 619 O "O2'"  . U A 1 20 ? 1.465   11.719  -3.761  1.00 0.00 ? 926 U A "O2'"  1 
ATOM 620 C "C1'"  . U A 1 20 ? 0.128   9.907   -2.818  1.00 0.00 ? 926 U A "C1'"  1 
ATOM 621 N N1     . U A 1 20 ? -0.334  8.608   -3.357  1.00 0.00 ? 926 U A N1     1 
ATOM 622 C C2     . U A 1 20 ? 0.631   7.701   -3.764  1.00 0.00 ? 926 U A C2     1 
ATOM 623 O O2     . U A 1 20 ? 1.832   7.965   -3.740  1.00 0.00 ? 926 U A O2     1 
ATOM 624 N N3     . U A 1 20 ? 0.165   6.482   -4.223  1.00 0.00 ? 926 U A N3     1 
ATOM 625 C C4     . U A 1 20 ? -1.160  6.096   -4.314  1.00 0.00 ? 926 U A C4     1 
ATOM 626 O O4     . U A 1 20 ? -1.459  4.980   -4.734  1.00 0.00 ? 926 U A O4     1 
ATOM 627 C C5     . U A 1 20 ? -2.098  7.102   -3.875  1.00 0.00 ? 926 U A C5     1 
ATOM 628 C C6     . U A 1 20 ? -1.668  8.303   -3.420  1.00 0.00 ? 926 U A C6     1 
ATOM 629 H "H5'"  . U A 1 20 ? -2.847  11.892  -0.858  1.00 0.00 ? 926 U A "H5'"  1 
ATOM 630 H "H5''" . U A 1 20 ? -2.965  13.002  -2.237  1.00 0.00 ? 926 U A "H5''" 1 
ATOM 631 H "H4'"  . U A 1 20 ? -0.613  12.481  -1.739  1.00 0.00 ? 926 U A "H4'"  1 
ATOM 632 H "H3'"  . U A 1 20 ? -1.810  11.397  -4.303  1.00 0.00 ? 926 U A "H3'"  1 
ATOM 633 H "H2'"  . U A 1 20 ? 0.248   10.467  -4.900  1.00 0.00 ? 926 U A "H2'"  1 
ATOM 634 H "HO2'" . U A 1 20 ? 2.196   11.175  -4.060  1.00 0.00 ? 926 U A "HO2'" 1 
ATOM 635 H "H1'"  . U A 1 20 ? 1.093   9.772   -2.328  1.00 0.00 ? 926 U A "H1'"  1 
ATOM 636 H H3     . U A 1 20 ? 0.856   5.809   -4.517  1.00 0.00 ? 926 U A H3     1 
ATOM 637 H H5     . U A 1 20 ? -3.167  6.893   -3.911  1.00 0.00 ? 926 U A H5     1 
ATOM 638 H H6     . U A 1 20 ? -2.400  9.045   -3.100  1.00 0.00 ? 926 U A H6     1 
ATOM 639 P P      . C A 1 21 ? -0.907  13.698  -5.619  1.00 0.00 ? 927 C A P      1 
ATOM 640 O OP1    . C A 1 21 ? -0.719  15.165  -5.645  1.00 0.00 ? 927 C A OP1    1 
ATOM 641 O OP2    . C A 1 21 ? -2.133  13.101  -6.196  1.00 0.00 ? 927 C A OP2    1 
ATOM 642 O "O5'"  . C A 1 21 ? 0.370   13.013  -6.320  1.00 0.00 ? 927 C A "O5'"  1 
ATOM 643 C "C5'"  . C A 1 21 ? 0.281   12.510  -7.655  1.00 0.00 ? 927 C A "C5'"  1 
ATOM 644 C "C4'"  . C A 1 21 ? 1.625   11.984  -8.152  1.00 0.00 ? 927 C A "C4'"  1 
ATOM 645 O "O4'"  . C A 1 21 ? 2.143   10.960  -7.293  1.00 0.00 ? 927 C A "O4'"  1 
ATOM 646 C "C3'"  . C A 1 21 ? 1.480   11.322  -9.512  1.00 0.00 ? 927 C A "C3'"  1 
ATOM 647 O "O3'"  . C A 1 21 ? 1.570   12.287  -10.566 1.00 0.00 ? 927 C A "O3'"  1 
ATOM 648 C "C2'"  . C A 1 21 ? 2.633   10.338  -9.517  1.00 0.00 ? 927 C A "C2'"  1 
ATOM 649 O "O2'"  . C A 1 21 ? 3.859   10.967  -9.907  1.00 0.00 ? 927 C A "O2'"  1 
ATOM 650 C "C1'"  . C A 1 21 ? 2.679   9.874   -8.066  1.00 0.00 ? 927 C A "C1'"  1 
ATOM 651 N N1     . C A 1 21 ? 1.885   8.637   -7.882  1.00 0.00 ? 927 C A N1     1 
ATOM 652 C C2     . C A 1 21 ? 2.474   7.431   -8.247  1.00 0.00 ? 927 C A C2     1 
ATOM 653 O O2     . C A 1 21 ? 3.621   7.412   -8.692  1.00 0.00 ? 927 C A O2     1 
ATOM 654 N N3     . C A 1 21 ? 1.750   6.289   -8.099  1.00 0.00 ? 927 C A N3     1 
ATOM 655 C C4     . C A 1 21 ? 0.503   6.322   -7.612  1.00 0.00 ? 927 C A C4     1 
ATOM 656 N N4     . C A 1 21 ? -0.179  5.183   -7.485  1.00 0.00 ? 927 C A N4     1 
ATOM 657 C C5     . C A 1 21 ? -0.107  7.558   -7.234  1.00 0.00 ? 927 C A C5     1 
ATOM 658 C C6     . C A 1 21 ? 0.614   8.684   -7.383  1.00 0.00 ? 927 C A C6     1 
ATOM 659 H "H5'"  . C A 1 21 ? -0.050  13.312  -8.314  1.00 0.00 ? 927 C A "H5'"  1 
ATOM 660 H "H5''" . C A 1 21 ? -0.450  11.702  -7.683  1.00 0.00 ? 927 C A "H5''" 1 
ATOM 661 H "H4'"  . C A 1 21 ? 2.341   12.801  -8.213  1.00 0.00 ? 927 C A "H4'"  1 
ATOM 662 H "H3'"  . C A 1 21 ? 0.531   10.781  -9.562  1.00 0.00 ? 927 C A "H3'"  1 
ATOM 663 H "H2'"  . C A 1 21 ? 2.402   9.495   -10.173 1.00 0.00 ? 927 C A "H2'"  1 
ATOM 664 H "HO2'" . C A 1 21 ? 4.564   10.561  -9.397  1.00 0.00 ? 927 C A "HO2'" 1 
ATOM 665 H "H1'"  . C A 1 21 ? 3.713   9.694   -7.774  1.00 0.00 ? 927 C A "H1'"  1 
ATOM 666 H H41    . C A 1 21 ? 0.247   4.307   -7.752  1.00 0.00 ? 927 C A H41    1 
ATOM 667 H H42    . C A 1 21 ? -1.121  5.197   -7.122  1.00 0.00 ? 927 C A H42    1 
ATOM 668 H H5     . C A 1 21 ? -1.123  7.587   -6.838  1.00 0.00 ? 927 C A H5     1 
ATOM 669 H H6     . C A 1 21 ? 0.179   9.643   -7.103  1.00 0.00 ? 927 C A H6     1 
ATOM 670 P P      . C A 1 22 ? 0.813   12.037  -11.964 1.00 0.00 ? 928 C A P      1 
ATOM 671 O OP1    . C A 1 22 ? 0.952   13.257  -12.791 1.00 0.00 ? 928 C A OP1    1 
ATOM 672 O OP2    . C A 1 22 ? -0.532  11.492  -11.674 1.00 0.00 ? 928 C A OP2    1 
ATOM 673 O "O5'"  . C A 1 22 ? 1.697   10.869  -12.633 1.00 0.00 ? 928 C A "O5'"  1 
ATOM 674 C "C5'"  . C A 1 22 ? 3.060   11.109  -12.993 1.00 0.00 ? 928 C A "C5'"  1 
ATOM 675 C "C4'"  . C A 1 22 ? 3.764   9.827   -13.434 1.00 0.00 ? 928 C A "C4'"  1 
ATOM 676 O "O4'"  . C A 1 22 ? 3.829   8.867   -12.376 1.00 0.00 ? 928 C A "O4'"  1 
ATOM 677 C "C3'"  . C A 1 22 ? 2.993   9.123   -14.538 1.00 0.00 ? 928 C A "C3'"  1 
ATOM 678 O "O3'"  . C A 1 22 ? 3.222   9.710   -15.825 1.00 0.00 ? 928 C A "O3'"  1 
ATOM 679 C "C2'"  . C A 1 22 ? 3.563   7.722   -14.427 1.00 0.00 ? 928 C A "C2'"  1 
ATOM 680 O "O2'"  . C A 1 22 ? 4.826   7.615   -15.095 1.00 0.00 ? 928 C A "O2'"  1 
ATOM 681 C "C1'"  . C A 1 22 ? 3.712   7.542   -12.921 1.00 0.00 ? 928 C A "C1'"  1 
ATOM 682 N N1     . C A 1 22 ? 2.543   6.826   -12.359 1.00 0.00 ? 928 C A N1     1 
ATOM 683 C C2     . C A 1 22 ? 2.576   5.437   -12.364 1.00 0.00 ? 928 C A C2     1 
ATOM 684 O O2     . C A 1 22 ? 3.556   4.841   -12.806 1.00 0.00 ? 928 C A O2     1 
ATOM 685 N N3     . C A 1 22 ? 1.500   4.766   -11.870 1.00 0.00 ? 928 C A N3     1 
ATOM 686 C C4     . C A 1 22 ? 0.437   5.424   -11.391 1.00 0.00 ? 928 C A C4     1 
ATOM 687 N N4     . C A 1 22 ? -0.603  4.733   -10.927 1.00 0.00 ? 928 C A N4     1 
ATOM 688 C C5     . C A 1 22 ? 0.399   6.853   -11.381 1.00 0.00 ? 928 C A C5     1 
ATOM 689 C C6     . C A 1 22 ? 1.466   7.511   -11.872 1.00 0.00 ? 928 C A C6     1 
ATOM 690 H "H5'"  . C A 1 22 ? 3.588   11.525  -12.135 1.00 0.00 ? 928 C A "H5'"  1 
ATOM 691 H "H5''" . C A 1 22 ? 3.090   11.829  -13.811 1.00 0.00 ? 928 C A "H5''" 1 
ATOM 692 H "H4'"  . C A 1 22 ? 4.771   10.059  -13.776 1.00 0.00 ? 928 C A "H4'"  1 
ATOM 693 H "H3'"  . C A 1 22 ? 1.925   9.110   -14.297 1.00 0.00 ? 928 C A "H3'"  1 
ATOM 694 H "H2'"  . C A 1 22 ? 2.850   6.996   -14.824 1.00 0.00 ? 928 C A "H2'"  1 
ATOM 695 H "HO2'" . C A 1 22 ? 5.508   7.620   -14.420 1.00 0.00 ? 928 C A "HO2'" 1 
ATOM 696 H "H1'"  . C A 1 22 ? 4.622   6.979   -12.710 1.00 0.00 ? 928 C A "H1'"  1 
ATOM 697 H H41    . C A 1 22 ? -0.583  3.724   -10.934 1.00 0.00 ? 928 C A H41    1 
ATOM 698 H H42    . C A 1 22 ? -1.414  5.220   -10.570 1.00 0.00 ? 928 C A H42    1 
ATOM 699 H H5     . C A 1 22 ? -0.465  7.391   -10.991 1.00 0.00 ? 928 C A H5     1 
ATOM 700 H H6     . C A 1 22 ? 1.470   8.601   -11.881 1.00 0.00 ? 928 C A H6     1 
ATOM 701 P P      . C A 1 23 ? 2.141   9.537   -17.006 1.00 0.00 ? 929 C A P      1 
ATOM 702 O OP1    . C A 1 23 ? 2.609   10.305  -18.180 1.00 0.00 ? 929 C A OP1    1 
ATOM 703 O OP2    . C A 1 23 ? 0.795   9.796   -16.444 1.00 0.00 ? 929 C A OP2    1 
ATOM 704 O "O5'"  . C A 1 23 ? 2.248   7.967   -17.351 1.00 0.00 ? 929 C A "O5'"  1 
ATOM 705 C "C5'"  . C A 1 23 ? 3.445   7.433   -17.928 1.00 0.00 ? 929 C A "C5'"  1 
ATOM 706 C "C4'"  . C A 1 23 ? 3.360   5.920   -18.115 1.00 0.00 ? 929 C A "C4'"  1 
ATOM 707 O "O4'"  . C A 1 23 ? 3.260   5.235   -16.863 1.00 0.00 ? 929 C A "O4'"  1 
ATOM 708 C "C3'"  . C A 1 23 ? 2.101   5.518   -18.867 1.00 0.00 ? 929 C A "C3'"  1 
ATOM 709 O "O3'"  . C A 1 23 ? 2.256   5.671   -20.283 1.00 0.00 ? 929 C A "O3'"  1 
ATOM 710 C "C2'"  . C A 1 23 ? 1.968   4.059   -18.470 1.00 0.00 ? 929 C A "C2'"  1 
ATOM 711 O "O2'"  . C A 1 23 ? 2.761   3.217   -19.314 1.00 0.00 ? 929 C A "O2'"  1 
ATOM 712 C "C1'"  . C A 1 23 ? 2.480   4.040   -17.032 1.00 0.00 ? 929 C A "C1'"  1 
ATOM 713 N N1     . C A 1 23 ? 1.356   3.994   -16.068 1.00 0.00 ? 929 C A N1     1 
ATOM 714 C C2     . C A 1 23 ? 0.885   2.742   -15.689 1.00 0.00 ? 929 C A C2     1 
ATOM 715 O O2     . C A 1 23 ? 1.391   1.722   -16.153 1.00 0.00 ? 929 C A O2     1 
ATOM 716 N N3     . C A 1 23 ? -0.144  2.683   -14.800 1.00 0.00 ? 929 C A N3     1 
ATOM 717 C C4     . C A 1 23 ? -0.689  3.801   -14.302 1.00 0.00 ? 929 C A C4     1 
ATOM 718 N N4     . C A 1 23 ? -1.693  3.706   -13.430 1.00 0.00 ? 929 C A N4     1 
ATOM 719 C C5     . C A 1 23 ? -0.211  5.091   -14.691 1.00 0.00 ? 929 C A C5     1 
ATOM 720 C C6     . C A 1 23 ? 0.808   5.142   -15.570 1.00 0.00 ? 929 C A C6     1 
ATOM 721 H "H5'"  . C A 1 23 ? 4.286   7.663   -17.276 1.00 0.00 ? 929 C A "H5'"  1 
ATOM 722 H "H5''" . C A 1 23 ? 3.610   7.901   -18.899 1.00 0.00 ? 929 C A "H5''" 1 
ATOM 723 H "H4'"  . C A 1 23 ? 4.238   5.566   -18.651 1.00 0.00 ? 929 C A "H4'"  1 
ATOM 724 H "H3'"  . C A 1 23 ? 1.242   6.087   -18.500 1.00 0.00 ? 929 C A "H3'"  1 
ATOM 725 H "HO3'" . C A 1 23 ? 2.325   4.792   -20.660 1.00 0.00 ? 929 C A "HO3'" 1 
ATOM 726 H "H2'"  . C A 1 23 ? 0.919   3.758   -18.498 1.00 0.00 ? 929 C A "H2'"  1 
ATOM 727 H "HO2'" . C A 1 23 ? 2.581   2.308   -19.064 1.00 0.00 ? 929 C A "HO2'" 1 
ATOM 728 H "H1'"  . C A 1 23 ? 3.119   3.169   -16.887 1.00 0.00 ? 929 C A "H1'"  1 
ATOM 729 H H41    . C A 1 23 ? -2.035  2.796   -13.152 1.00 0.00 ? 929 C A H41    1 
ATOM 730 H H42    . C A 1 23 ? -2.111  4.540   -13.048 1.00 0.00 ? 929 C A H42    1 
ATOM 731 H H5     . C A 1 23 ? -0.654  6.001   -14.288 1.00 0.00 ? 929 C A H5     1 
ATOM 732 H H6     . C A 1 23 ? 1.196   6.108   -15.890 1.00 0.00 ? 929 C A H6     1 
# 
